data_5O6E
#
_entry.id   5O6E
#
_cell.length_a   150.605
_cell.length_b   150.605
_cell.length_c   136.339
_cell.angle_alpha   90.00
_cell.angle_beta   90.00
_cell.angle_gamma   120.00
#
_symmetry.space_group_name_H-M   'P 31 2 1'
#
loop_
_entity.id
_entity.type
_entity.pdbx_description
1 polymer 'ATP-dependent DNA helicase PIF1'
2 polymer "DNA (5'-D(*TP*TP*TP*GP*GP*T)-3')"
3 non-polymer "ADENOSINE-5'-DIPHOSPHATE"
4 non-polymer 'TETRAFLUOROALUMINATE ION'
5 non-polymer 'MAGNESIUM ION'
6 non-polymer 'CHLORIDE ION'
#
loop_
_entity_poly.entity_id
_entity_poly.type
_entity_poly.pdbx_seq_one_letter_code
_entity_poly.pdbx_strand_id
1 'polypeptide(L)'
;GLSKEQESIIKLAENGHNIFYTGSAGTGKSILLREMIKVLKGIYGRENVAVTASTGLAACNIGGITIHSFAGIGLGKGDA
DKLYKKVRRSRKHLRRWENIGALVVDEISMLDAELLDKLDFIARKIRKNHQPFGGIQLIFCGDFFQLPPVSKDPNRPTKF
AFESKAWKEGVKMTIMLQKVFRQRGDVKFIDMLNRMRLGNIDDETEREFKKLSRPLPDDEIIPAELYSTRMEVERANNSR
LSKLPGQVHIFNAIDGGALEDEELKERLLQNFLAPKELHLKVGAQVMMVKNLDATLVNGSLGKVIEFMDPETYFCYEALT
NDPSMPPEKLETWAENPSKLKAAMEREQSDGEESAVASRKSSVKEGFAKSDIGEPVSPLDSSVFDFMKRVKTDDEVVLEN
IKRKEQLMQTIHQNSAGKRRLPLVRFKASDMSTRMVLVEPEDWAIEDENEKPLVSRVQLPLMLAWSLSIHKSQGQTLPKV
KVDLRRVFEKGQAYVALSRAVSREGLQVLNFDRTRIKAHQKVIDFYLTLSSAESAYKQLEADEQV
;
A,B
2 'polydeoxyribonucleotide' (DT)(DT)(DT)(DG)(DG)(DT)(DT) C,D
#
# COMPACT_ATOMS: atom_id res chain seq x y z
N GLY A 1 41.77 -17.76 4.27
CA GLY A 1 41.68 -19.19 4.02
C GLY A 1 40.30 -19.66 3.64
N LEU A 2 39.98 -19.60 2.34
CA LEU A 2 38.78 -20.24 1.81
C LEU A 2 38.81 -21.77 1.95
N SER A 3 37.62 -22.34 2.12
CA SER A 3 37.50 -23.77 2.36
C SER A 3 37.57 -24.54 1.03
N LYS A 4 37.97 -25.82 1.14
CA LYS A 4 38.06 -26.68 -0.03
C LYS A 4 36.77 -26.65 -0.83
N GLU A 5 35.63 -26.87 -0.18
CA GLU A 5 34.34 -26.79 -0.84
C GLU A 5 34.12 -25.42 -1.46
N GLN A 6 34.45 -24.34 -0.74
CA GLN A 6 34.32 -23.01 -1.31
C GLN A 6 35.22 -22.82 -2.52
N GLU A 7 36.39 -23.44 -2.51
CA GLU A 7 37.33 -23.27 -3.61
C GLU A 7 36.86 -24.00 -4.87
N SER A 8 36.24 -25.18 -4.71
CA SER A 8 35.89 -25.92 -5.91
C SER A 8 34.78 -25.24 -6.68
N ILE A 9 33.85 -24.58 -5.96
CA ILE A 9 32.76 -23.94 -6.68
C ILE A 9 33.30 -22.80 -7.50
N ILE A 10 34.43 -22.23 -7.07
CA ILE A 10 35.07 -21.19 -7.87
C ILE A 10 35.60 -21.78 -9.15
N LYS A 11 36.37 -22.87 -9.07
CA LYS A 11 36.92 -23.50 -10.26
C LYS A 11 35.81 -23.80 -11.27
N LEU A 12 34.73 -24.42 -10.78
CA LEU A 12 33.61 -24.87 -11.61
C LEU A 12 33.13 -23.79 -12.56
N ALA A 13 33.26 -22.52 -12.20
CA ALA A 13 32.84 -21.46 -13.11
C ALA A 13 33.75 -21.37 -14.32
N GLU A 14 34.93 -21.99 -14.29
CA GLU A 14 35.78 -22.07 -15.48
C GLU A 14 35.14 -22.92 -16.58
N ASN A 15 34.12 -23.72 -16.24
CA ASN A 15 33.38 -24.53 -17.21
C ASN A 15 32.62 -23.71 -18.20
N GLY A 16 32.35 -22.45 -17.90
CA GLY A 16 31.34 -21.71 -18.60
C GLY A 16 29.93 -22.10 -18.22
N HIS A 17 29.78 -23.15 -17.44
CA HIS A 17 28.46 -23.68 -17.08
C HIS A 17 27.80 -22.78 -16.05
N ASN A 18 26.50 -22.54 -16.22
CA ASN A 18 25.68 -21.96 -15.16
C ASN A 18 25.82 -22.76 -13.89
N ILE A 19 26.11 -22.08 -12.79
CA ILE A 19 26.19 -22.72 -11.49
C ILE A 19 25.22 -22.00 -10.57
N PHE A 20 24.58 -22.76 -9.70
CA PHE A 20 23.70 -22.19 -8.71
C PHE A 20 24.01 -22.90 -7.39
N TYR A 21 24.51 -22.16 -6.40
CA TYR A 21 24.84 -22.72 -5.11
C TYR A 21 23.99 -22.05 -4.04
N THR A 22 23.99 -22.64 -2.85
CA THR A 22 23.06 -22.33 -1.77
C THR A 22 23.56 -23.06 -0.52
N GLY A 23 22.78 -22.95 0.55
CA GLY A 23 23.17 -23.45 1.86
C GLY A 23 22.83 -22.36 2.85
N SER A 24 22.51 -22.77 4.08
CA SER A 24 21.85 -21.90 5.04
C SER A 24 22.67 -20.64 5.33
N ALA A 25 21.99 -19.65 5.92
CA ALA A 25 22.53 -18.30 6.08
C ALA A 25 23.90 -18.29 6.74
N GLY A 26 24.85 -17.67 6.04
CA GLY A 26 26.19 -17.48 6.59
C GLY A 26 27.14 -18.63 6.38
N THR A 27 27.13 -19.22 5.18
CA THR A 27 27.91 -20.40 4.87
C THR A 27 29.10 -20.08 3.98
N GLY A 28 29.32 -18.81 3.66
CA GLY A 28 30.41 -18.41 2.80
C GLY A 28 30.02 -18.12 1.36
N LYS A 29 28.72 -18.14 1.04
CA LYS A 29 28.29 -18.02 -0.35
C LYS A 29 28.80 -16.71 -0.97
N SER A 30 28.38 -15.59 -0.40
CA SER A 30 28.72 -14.27 -0.93
C SER A 30 30.22 -13.94 -0.81
N ILE A 31 30.96 -14.57 0.10
CA ILE A 31 32.42 -14.39 0.13
C ILE A 31 33.10 -15.05 -1.06
N LEU A 32 32.77 -16.33 -1.33
CA LEU A 32 33.43 -17.04 -2.42
C LEU A 32 33.04 -16.42 -3.76
N LEU A 33 31.80 -15.94 -3.88
CA LEU A 33 31.41 -15.14 -5.03
C LEU A 33 32.40 -14.04 -5.32
N ARG A 34 32.95 -13.39 -4.28
CA ARG A 34 33.91 -12.32 -4.54
C ARG A 34 35.09 -12.84 -5.36
N GLU A 35 35.59 -14.04 -5.04
CA GLU A 35 36.77 -14.54 -5.74
C GLU A 35 36.39 -15.15 -7.06
N MET A 36 35.21 -15.78 -7.12
CA MET A 36 34.72 -16.24 -8.42
C MET A 36 34.48 -15.07 -9.36
N ILE A 37 34.21 -13.89 -8.82
CA ILE A 37 34.02 -12.74 -9.72
C ILE A 37 35.37 -12.33 -10.27
N LYS A 38 36.43 -12.57 -9.52
CA LYS A 38 37.78 -12.34 -10.04
C LYS A 38 38.09 -13.27 -11.23
N VAL A 39 37.71 -14.56 -11.14
CA VAL A 39 38.11 -15.47 -12.21
C VAL A 39 37.25 -15.28 -13.45
N LEU A 40 35.95 -14.99 -13.28
CA LEU A 40 35.06 -14.70 -14.40
C LEU A 40 35.47 -13.45 -15.14
N LYS A 41 36.01 -12.46 -14.43
CA LYS A 41 36.61 -11.31 -15.12
C LYS A 41 37.88 -11.74 -15.85
N GLY A 42 38.74 -12.50 -15.19
CA GLY A 42 39.92 -13.03 -15.85
C GLY A 42 39.61 -13.89 -17.06
N ILE A 43 38.35 -14.29 -17.25
CA ILE A 43 37.92 -15.10 -18.37
C ILE A 43 37.29 -14.25 -19.47
N TYR A 44 36.48 -13.25 -19.12
CA TYR A 44 35.83 -12.42 -20.13
C TYR A 44 36.24 -10.97 -20.08
N GLY A 45 37.08 -10.58 -19.13
CA GLY A 45 37.48 -9.18 -19.00
C GLY A 45 36.69 -8.48 -17.90
N ARG A 46 37.35 -7.59 -17.14
CA ARG A 46 36.71 -6.85 -16.05
C ARG A 46 35.37 -6.31 -16.49
N GLU A 47 35.30 -5.76 -17.70
CA GLU A 47 34.14 -4.98 -18.06
C GLU A 47 32.94 -5.80 -18.49
N ASN A 48 33.02 -7.13 -18.46
CA ASN A 48 32.01 -7.98 -19.10
C ASN A 48 31.37 -8.99 -18.15
N VAL A 49 31.81 -9.08 -16.91
CA VAL A 49 31.07 -9.76 -15.86
C VAL A 49 30.15 -8.73 -15.21
N ALA A 50 28.84 -9.02 -15.19
CA ALA A 50 27.86 -8.23 -14.48
C ALA A 50 27.76 -8.78 -13.06
N VAL A 51 28.10 -7.95 -12.06
CA VAL A 51 28.06 -8.34 -10.65
C VAL A 51 26.85 -7.65 -10.04
N THR A 52 25.78 -8.38 -9.81
CA THR A 52 24.57 -7.75 -9.33
C THR A 52 24.05 -8.49 -8.11
N ALA A 53 23.06 -7.89 -7.47
CA ALA A 53 22.30 -8.59 -6.45
C ALA A 53 20.90 -7.99 -6.42
N SER A 54 20.05 -8.55 -5.55
CA SER A 54 18.63 -8.23 -5.59
C SER A 54 18.31 -6.91 -4.89
N THR A 55 18.98 -6.62 -3.75
CA THR A 55 18.89 -5.36 -3.01
C THR A 55 20.25 -4.66 -3.05
N GLY A 56 20.23 -3.36 -3.38
CA GLY A 56 21.47 -2.61 -3.61
C GLY A 56 22.49 -2.67 -2.48
N LEU A 57 22.06 -2.86 -1.25
CA LEU A 57 23.07 -3.01 -0.21
C LEU A 57 23.73 -4.37 -0.31
N ALA A 58 22.93 -5.43 -0.49
CA ALA A 58 23.49 -6.77 -0.72
C ALA A 58 24.39 -6.82 -1.95
N ALA A 59 24.12 -5.97 -2.95
CA ALA A 59 25.00 -5.82 -4.10
C ALA A 59 26.39 -5.32 -3.69
N CYS A 60 26.46 -4.35 -2.79
CA CYS A 60 27.77 -3.84 -2.39
C CYS A 60 28.61 -4.84 -1.65
N ASN A 61 27.98 -5.85 -1.02
CA ASN A 61 28.76 -6.81 -0.25
C ASN A 61 29.71 -7.57 -1.14
N ILE A 62 29.28 -7.89 -2.37
CA ILE A 62 30.07 -8.58 -3.39
C ILE A 62 30.67 -7.62 -4.40
N GLY A 63 30.47 -6.32 -4.21
CA GLY A 63 31.15 -5.28 -4.96
C GLY A 63 30.46 -4.87 -6.24
N GLY A 64 29.14 -4.81 -6.24
CA GLY A 64 28.46 -4.49 -7.47
C GLY A 64 27.16 -3.74 -7.35
N ILE A 65 26.42 -3.66 -8.46
CA ILE A 65 25.24 -2.82 -8.54
C ILE A 65 24.01 -3.70 -8.49
N THR A 66 22.87 -3.07 -8.32
CA THR A 66 21.60 -3.77 -8.31
C THR A 66 21.33 -4.39 -9.67
N ILE A 67 20.52 -5.47 -9.68
CA ILE A 67 20.17 -6.12 -10.94
C ILE A 67 19.39 -5.16 -11.83
N HIS A 68 18.53 -4.35 -11.23
CA HIS A 68 17.81 -3.35 -12.02
C HIS A 68 18.77 -2.30 -12.56
N SER A 69 19.77 -1.89 -11.77
CA SER A 69 20.63 -0.79 -12.20
C SER A 69 21.54 -1.23 -13.35
N PHE A 70 21.99 -2.47 -13.32
CA PHE A 70 22.76 -3.00 -14.44
C PHE A 70 21.89 -3.12 -15.68
N ALA A 71 20.70 -3.72 -15.51
CA ALA A 71 19.81 -4.07 -16.61
C ALA A 71 19.31 -2.87 -17.39
N GLY A 72 19.23 -1.71 -16.73
CA GLY A 72 18.64 -0.54 -17.35
C GLY A 72 17.13 -0.54 -17.42
N ILE A 73 16.48 -1.43 -16.63
CA ILE A 73 15.05 -1.63 -16.72
C ILE A 73 14.27 -0.75 -15.76
N GLY A 74 14.93 0.10 -14.98
CA GLY A 74 14.23 0.90 -13.99
C GLY A 74 13.66 0.06 -12.84
N LEU A 75 12.39 0.29 -12.54
CA LEU A 75 11.72 -0.62 -11.63
C LEU A 75 11.30 -1.90 -12.31
N GLY A 76 11.20 -1.90 -13.64
CA GLY A 76 10.87 -3.12 -14.34
C GLY A 76 9.51 -3.70 -13.99
N LYS A 77 8.54 -2.87 -13.61
CA LYS A 77 7.20 -3.40 -13.47
C LYS A 77 6.46 -3.46 -14.80
N GLY A 78 6.99 -2.81 -15.83
CA GLY A 78 6.36 -2.78 -17.13
C GLY A 78 6.31 -4.12 -17.86
N ASP A 79 5.79 -4.05 -19.09
CA ASP A 79 5.58 -5.21 -19.95
C ASP A 79 6.92 -5.83 -20.34
N ALA A 80 6.94 -7.16 -20.51
CA ALA A 80 8.12 -7.84 -21.03
C ALA A 80 8.61 -7.18 -22.31
N ASP A 81 7.71 -7.02 -23.28
CA ASP A 81 8.03 -6.32 -24.53
C ASP A 81 8.47 -4.88 -24.27
N LYS A 82 7.87 -4.23 -23.25
CA LYS A 82 8.12 -2.81 -22.98
C LYS A 82 9.55 -2.56 -22.52
N LEU A 83 9.95 -3.20 -21.42
CA LEU A 83 11.31 -3.06 -20.90
C LEU A 83 12.37 -3.19 -21.99
N TYR A 84 12.22 -4.19 -22.87
CA TYR A 84 13.21 -4.41 -23.92
C TYR A 84 13.37 -3.17 -24.79
N LYS A 85 12.26 -2.53 -25.16
CA LYS A 85 12.34 -1.33 -25.98
C LYS A 85 12.99 -0.19 -25.21
N LYS A 86 12.89 -0.19 -23.88
CA LYS A 86 13.57 0.83 -23.08
C LYS A 86 15.07 0.56 -22.98
N VAL A 87 15.47 -0.71 -22.86
CA VAL A 87 16.89 -1.02 -22.72
C VAL A 87 17.62 -0.67 -24.00
N ARG A 88 17.09 -1.09 -25.14
CA ARG A 88 17.75 -0.88 -26.42
C ARG A 88 17.94 0.61 -26.73
N ARG A 89 17.20 1.50 -26.07
CA ARG A 89 17.32 2.93 -26.29
C ARG A 89 18.32 3.60 -25.34
N SER A 90 19.31 2.84 -24.84
CA SER A 90 20.35 3.39 -23.95
C SER A 90 21.68 2.75 -24.33
N ARG A 91 22.59 3.55 -24.90
CA ARG A 91 23.87 2.99 -25.36
C ARG A 91 24.59 2.25 -24.24
N LYS A 92 24.75 2.89 -23.08
CA LYS A 92 25.40 2.24 -21.94
C LYS A 92 24.83 0.85 -21.69
N HIS A 93 23.51 0.76 -21.51
CA HIS A 93 22.84 -0.47 -21.11
C HIS A 93 22.65 -1.44 -22.26
N LEU A 94 22.46 -0.92 -23.46
CA LEU A 94 22.36 -1.82 -24.61
C LEU A 94 23.65 -2.58 -24.75
N ARG A 95 24.75 -1.88 -25.02
CA ARG A 95 25.97 -2.63 -25.24
C ARG A 95 26.46 -3.31 -23.97
N ARG A 96 25.86 -3.04 -22.82
CA ARG A 96 26.14 -3.85 -21.63
C ARG A 96 25.56 -5.24 -21.78
N TRP A 97 24.33 -5.33 -22.28
CA TRP A 97 23.77 -6.63 -22.61
C TRP A 97 24.50 -7.28 -23.78
N GLU A 98 24.90 -6.50 -24.78
CA GLU A 98 25.62 -7.04 -25.92
C GLU A 98 26.89 -7.76 -25.48
N ASN A 99 27.55 -7.29 -24.42
CA ASN A 99 28.94 -7.65 -24.20
C ASN A 99 29.18 -8.56 -23.00
N ILE A 100 28.23 -8.73 -22.07
CA ILE A 100 28.55 -9.48 -20.86
C ILE A 100 28.76 -10.96 -21.15
N GLY A 101 29.71 -11.55 -20.43
CA GLY A 101 29.94 -12.98 -20.47
C GLY A 101 29.41 -13.72 -19.25
N ALA A 102 29.24 -13.02 -18.13
CA ALA A 102 28.60 -13.64 -16.98
C ALA A 102 27.57 -12.68 -16.40
N LEU A 103 26.59 -13.26 -15.70
CA LEU A 103 25.68 -12.51 -14.82
C LEU A 103 25.76 -13.17 -13.45
N VAL A 104 26.47 -12.55 -12.53
CA VAL A 104 26.47 -12.94 -11.13
C VAL A 104 25.28 -12.26 -10.46
N VAL A 105 24.54 -12.99 -9.65
CA VAL A 105 23.37 -12.45 -8.98
C VAL A 105 23.36 -13.05 -7.58
N ASP A 106 23.54 -12.19 -6.57
CA ASP A 106 23.56 -12.63 -5.18
C ASP A 106 22.25 -12.27 -4.47
N GLU A 107 21.94 -13.06 -3.44
CA GLU A 107 20.65 -13.03 -2.74
C GLU A 107 19.49 -13.17 -3.74
N ILE A 108 19.45 -14.34 -4.40
CA ILE A 108 18.48 -14.57 -5.47
C ILE A 108 17.07 -14.79 -4.91
N SER A 109 16.93 -15.02 -3.60
CA SER A 109 15.60 -15.37 -3.10
C SER A 109 14.60 -14.24 -3.28
N MET A 110 15.08 -12.98 -3.29
CA MET A 110 14.25 -11.80 -3.49
C MET A 110 14.02 -11.42 -4.95
N LEU A 111 14.59 -12.15 -5.89
CA LEU A 111 14.25 -11.99 -7.29
C LEU A 111 12.95 -12.73 -7.58
N ASP A 112 12.04 -12.08 -8.30
CA ASP A 112 10.75 -12.68 -8.61
C ASP A 112 10.76 -13.16 -10.05
N ALA A 113 10.22 -14.36 -10.26
CA ALA A 113 10.27 -15.02 -11.56
C ALA A 113 9.87 -14.08 -12.69
N GLU A 114 8.75 -13.37 -12.51
CA GLU A 114 8.25 -12.48 -13.56
C GLU A 114 9.35 -11.57 -14.10
N LEU A 115 10.29 -11.15 -13.24
CA LEU A 115 11.36 -10.25 -13.66
C LEU A 115 12.50 -11.00 -14.35
N LEU A 116 12.86 -12.16 -13.78
CA LEU A 116 13.87 -13.01 -14.40
C LEU A 116 13.51 -13.32 -15.84
N ASP A 117 12.24 -13.67 -16.09
CA ASP A 117 11.78 -13.95 -17.44
C ASP A 117 11.85 -12.71 -18.33
N LYS A 118 11.54 -11.53 -17.76
CA LYS A 118 11.72 -10.30 -18.54
C LYS A 118 13.18 -10.08 -18.88
N LEU A 119 14.08 -10.38 -17.95
CA LEU A 119 15.51 -10.21 -18.22
C LEU A 119 16.01 -11.25 -19.21
N ASP A 120 15.43 -12.45 -19.17
CA ASP A 120 15.74 -13.47 -20.17
C ASP A 120 15.28 -13.03 -21.56
N PHE A 121 14.05 -12.54 -21.66
CA PHE A 121 13.56 -12.02 -22.94
C PHE A 121 14.47 -10.92 -23.47
N ILE A 122 14.91 -10.01 -22.60
CA ILE A 122 15.80 -8.93 -23.00
C ILE A 122 17.18 -9.47 -23.37
N ALA A 123 17.69 -10.43 -22.59
CA ALA A 123 19.02 -10.94 -22.86
C ALA A 123 19.10 -11.61 -24.22
N ARG A 124 18.01 -12.25 -24.66
CA ARG A 124 17.99 -12.92 -25.96
C ARG A 124 17.83 -11.92 -27.10
N LYS A 125 16.73 -11.18 -27.10
CA LYS A 125 16.41 -10.32 -28.24
C LYS A 125 17.53 -9.33 -28.51
N ILE A 126 18.27 -8.93 -27.48
CA ILE A 126 19.39 -7.98 -27.66
C ILE A 126 20.64 -8.72 -28.14
N ARG A 127 21.01 -9.78 -27.43
CA ARG A 127 22.21 -10.51 -27.84
C ARG A 127 22.00 -11.35 -29.09
N LYS A 128 20.81 -11.28 -29.73
CA LYS A 128 20.48 -11.99 -30.98
C LYS A 128 20.73 -13.50 -30.87
N ASN A 129 20.00 -14.13 -29.95
CA ASN A 129 20.28 -15.51 -29.53
C ASN A 129 18.99 -16.09 -28.97
N HIS A 130 19.00 -17.39 -28.71
CA HIS A 130 17.85 -18.03 -28.09
C HIS A 130 18.23 -19.04 -27.01
N GLN A 131 19.46 -19.03 -26.55
CA GLN A 131 19.95 -19.91 -25.49
C GLN A 131 19.23 -19.53 -24.20
N PRO A 132 19.44 -20.26 -23.07
CA PRO A 132 18.88 -19.82 -21.78
C PRO A 132 18.86 -18.31 -21.53
N PHE A 133 19.98 -17.60 -21.73
CA PHE A 133 19.98 -16.18 -21.46
C PHE A 133 20.66 -15.43 -22.56
N GLY A 134 20.42 -15.80 -23.81
CA GLY A 134 21.31 -15.33 -24.83
C GLY A 134 22.72 -15.83 -24.62
N GLY A 135 22.85 -16.89 -23.82
CA GLY A 135 24.12 -17.56 -23.62
C GLY A 135 24.97 -16.96 -22.53
N ILE A 136 24.43 -16.05 -21.74
CA ILE A 136 25.22 -15.49 -20.65
C ILE A 136 25.33 -16.56 -19.57
N GLN A 137 26.54 -16.76 -19.07
CA GLN A 137 26.72 -17.63 -17.92
C GLN A 137 26.04 -17.02 -16.69
N LEU A 138 25.19 -17.81 -16.03
CA LEU A 138 24.48 -17.39 -14.83
C LEU A 138 25.20 -17.92 -13.58
N ILE A 139 25.55 -17.04 -12.67
CA ILE A 139 25.96 -17.44 -11.34
C ILE A 139 24.83 -16.99 -10.40
N PHE A 140 24.18 -17.95 -9.76
CA PHE A 140 23.06 -17.65 -8.90
C PHE A 140 23.39 -18.06 -7.48
N CYS A 141 22.96 -17.23 -6.54
CA CYS A 141 23.47 -17.29 -5.17
C CYS A 141 22.34 -17.02 -4.18
N GLY A 142 22.36 -17.70 -3.04
CA GLY A 142 21.44 -17.32 -1.98
C GLY A 142 20.88 -18.50 -1.22
N ASP A 143 19.86 -18.22 -0.40
CA ASP A 143 19.10 -19.25 0.34
C ASP A 143 17.63 -18.91 0.19
N PHE A 144 16.87 -19.81 -0.41
CA PHE A 144 15.47 -19.50 -0.62
C PHE A 144 14.65 -19.57 0.66
N PHE A 145 15.21 -20.00 1.79
CA PHE A 145 14.46 -20.00 3.05
C PHE A 145 14.54 -18.66 3.82
N GLN A 146 15.33 -17.74 3.30
CA GLN A 146 15.37 -16.33 3.64
C GLN A 146 14.28 -15.59 2.87
N LEU A 147 14.34 -14.28 2.86
CA LEU A 147 13.20 -13.49 2.40
C LEU A 147 12.84 -13.80 0.94
N PRO A 148 11.55 -13.99 0.65
CA PRO A 148 11.09 -14.08 -0.75
C PRO A 148 11.00 -12.71 -1.40
N PRO A 149 10.82 -12.65 -2.72
CA PRO A 149 10.64 -11.33 -3.37
C PRO A 149 9.43 -10.59 -2.83
N VAL A 150 9.47 -9.26 -2.93
CA VAL A 150 8.49 -8.44 -2.20
C VAL A 150 7.15 -8.54 -2.90
N SER A 151 6.16 -9.11 -2.20
CA SER A 151 4.79 -9.18 -2.70
C SER A 151 4.07 -7.91 -2.27
N LYS A 152 3.85 -6.99 -3.20
CA LYS A 152 3.01 -5.84 -2.87
C LYS A 152 1.60 -6.32 -2.56
N ASP A 153 0.95 -6.95 -3.52
CA ASP A 153 -0.24 -7.73 -3.25
C ASP A 153 0.15 -9.04 -2.60
N PRO A 154 -0.27 -9.34 -1.40
CA PRO A 154 -0.05 -10.67 -0.79
C PRO A 154 -1.12 -11.71 -1.11
N ASN A 155 -1.98 -11.42 -2.10
CA ASN A 155 -2.89 -12.36 -2.71
C ASN A 155 -2.52 -12.65 -4.17
N ARG A 156 -1.42 -12.05 -4.65
CA ARG A 156 -0.61 -12.56 -5.76
C ARG A 156 0.77 -12.81 -5.15
N PRO A 157 1.02 -13.99 -4.59
CA PRO A 157 2.37 -14.31 -4.12
C PRO A 157 3.33 -14.25 -5.31
N THR A 158 4.55 -13.74 -5.08
CA THR A 158 5.37 -13.27 -6.19
C THR A 158 6.34 -14.31 -6.74
N LYS A 159 6.02 -15.61 -6.67
CA LYS A 159 6.57 -16.49 -7.70
C LYS A 159 8.12 -16.48 -7.68
N PHE A 160 8.69 -17.04 -6.60
CA PHE A 160 10.15 -17.08 -6.42
C PHE A 160 10.87 -17.50 -7.70
N ALA A 161 12.12 -17.04 -7.83
CA ALA A 161 12.94 -17.17 -9.02
C ALA A 161 12.85 -18.54 -9.68
N PHE A 162 12.77 -19.61 -8.88
CA PHE A 162 12.76 -20.93 -9.50
C PHE A 162 11.42 -21.25 -10.16
N GLU A 163 10.38 -20.46 -9.95
CA GLU A 163 9.13 -20.73 -10.66
C GLU A 163 9.15 -20.24 -12.10
N SER A 164 10.24 -19.64 -12.56
CA SER A 164 10.29 -18.99 -13.87
C SER A 164 10.68 -19.96 -14.98
N LYS A 165 10.21 -19.63 -16.18
CA LYS A 165 10.67 -20.27 -17.41
C LYS A 165 12.20 -20.28 -17.47
N ALA A 166 12.80 -19.08 -17.39
CA ALA A 166 14.24 -18.92 -17.54
C ALA A 166 15.06 -19.78 -16.56
N TRP A 167 14.52 -20.09 -15.38
CA TRP A 167 15.28 -20.85 -14.38
C TRP A 167 15.30 -22.31 -14.72
N LYS A 168 14.13 -22.87 -15.00
CA LYS A 168 14.04 -24.27 -15.41
C LYS A 168 14.83 -24.53 -16.69
N GLU A 169 14.97 -23.52 -17.55
CA GLU A 169 15.78 -23.66 -18.76
C GLU A 169 17.27 -23.68 -18.44
N GLY A 170 17.71 -22.97 -17.40
CA GLY A 170 19.13 -22.73 -17.18
C GLY A 170 19.74 -23.25 -15.88
N VAL A 171 18.92 -23.75 -14.97
CA VAL A 171 19.39 -24.28 -13.69
C VAL A 171 18.89 -25.72 -13.55
N LYS A 172 19.75 -26.70 -13.78
CA LYS A 172 19.30 -28.08 -13.71
C LYS A 172 20.06 -28.86 -12.66
N MET A 173 20.58 -28.15 -11.67
CA MET A 173 21.16 -28.75 -10.47
C MET A 173 21.45 -27.66 -9.43
N THR A 174 21.47 -28.03 -8.15
CA THR A 174 21.89 -27.09 -7.13
C THR A 174 23.09 -27.66 -6.39
N ILE A 175 24.12 -26.84 -6.18
CA ILE A 175 25.19 -27.18 -5.25
C ILE A 175 24.81 -26.61 -3.88
N MET A 176 25.37 -27.18 -2.82
CA MET A 176 24.98 -26.81 -1.46
C MET A 176 26.19 -26.87 -0.56
N LEU A 177 26.64 -25.70 -0.06
CA LEU A 177 27.63 -25.65 1.01
C LEU A 177 26.94 -25.97 2.32
N GLN A 178 27.65 -26.63 3.21
CA GLN A 178 26.97 -27.07 4.41
C GLN A 178 27.56 -26.51 5.70
N LYS A 179 28.88 -26.32 5.77
CA LYS A 179 29.52 -25.74 6.95
C LYS A 179 29.19 -24.25 7.10
N VAL A 180 28.76 -23.88 8.32
CA VAL A 180 28.33 -22.53 8.67
C VAL A 180 29.54 -21.79 9.24
N PHE A 181 29.74 -20.54 8.81
CA PHE A 181 30.91 -19.76 9.18
C PHE A 181 30.62 -18.59 10.11
N ARG A 182 29.49 -17.91 9.92
CA ARG A 182 29.17 -16.69 10.65
C ARG A 182 29.15 -16.92 12.15
N GLN A 183 28.30 -17.84 12.63
CA GLN A 183 28.14 -18.12 14.06
C GLN A 183 29.14 -19.16 14.58
N ARG A 184 30.27 -19.37 13.89
CA ARG A 184 31.03 -20.62 13.99
C ARG A 184 31.55 -20.94 15.39
N GLY A 185 31.49 -20.02 16.35
CA GLY A 185 31.84 -20.38 17.71
C GLY A 185 30.69 -21.03 18.48
N ASP A 186 29.52 -20.40 18.42
CA ASP A 186 28.34 -20.72 19.24
C ASP A 186 27.56 -21.84 18.56
N VAL A 187 27.89 -23.08 18.92
CA VAL A 187 27.34 -24.25 18.23
C VAL A 187 25.87 -24.46 18.54
N LYS A 188 25.50 -24.39 19.83
CA LYS A 188 24.08 -24.42 20.21
C LYS A 188 23.29 -23.36 19.46
N PHE A 189 23.86 -22.15 19.38
CA PHE A 189 23.26 -21.06 18.60
C PHE A 189 22.97 -21.48 17.16
N ILE A 190 23.92 -22.13 16.48
CA ILE A 190 23.69 -22.56 15.09
C ILE A 190 22.50 -23.50 15.00
N ASP A 191 22.52 -24.57 15.80
CA ASP A 191 21.38 -25.47 15.84
C ASP A 191 20.08 -24.70 16.10
N MET A 192 20.12 -23.71 17.01
CA MET A 192 18.96 -22.84 17.23
C MET A 192 18.57 -22.09 15.98
N LEU A 193 19.54 -21.65 15.20
CA LEU A 193 19.24 -20.93 13.97
C LEU A 193 18.73 -21.89 12.91
N ASN A 194 19.33 -23.08 12.79
CA ASN A 194 18.90 -24.01 11.75
C ASN A 194 17.44 -24.43 11.94
N ARG A 195 17.03 -24.72 13.17
CA ARG A 195 15.63 -25.07 13.39
C ARG A 195 14.72 -23.86 13.37
N MET A 196 15.26 -22.71 13.03
CA MET A 196 14.44 -21.56 12.73
C MET A 196 14.27 -21.34 11.24
N ARG A 197 15.23 -21.84 10.47
CA ARG A 197 15.13 -21.81 9.02
C ARG A 197 13.87 -22.51 8.53
N LEU A 198 13.33 -23.43 9.35
CA LEU A 198 12.20 -24.26 8.95
C LEU A 198 10.91 -24.01 9.73
N GLY A 199 10.96 -23.29 10.84
CA GLY A 199 9.79 -23.19 11.70
C GLY A 199 9.71 -24.26 12.77
N ASN A 200 10.84 -24.80 13.20
CA ASN A 200 10.91 -25.89 14.17
C ASN A 200 11.34 -25.43 15.55
N ILE A 201 10.95 -24.23 15.98
CA ILE A 201 11.24 -23.84 17.35
C ILE A 201 10.52 -24.81 18.29
N ASP A 202 11.27 -25.36 19.25
CA ASP A 202 10.71 -26.24 20.26
C ASP A 202 10.50 -25.47 21.56
N ASP A 203 10.04 -26.20 22.58
CA ASP A 203 9.89 -25.59 23.90
C ASP A 203 11.20 -24.99 24.39
N GLU A 204 12.33 -25.55 23.98
CA GLU A 204 13.60 -25.16 24.59
C GLU A 204 14.26 -24.01 23.84
N THR A 205 14.30 -24.09 22.50
CA THR A 205 14.89 -23.01 21.73
C THR A 205 14.21 -21.68 22.03
N GLU A 206 12.88 -21.68 22.08
CA GLU A 206 12.16 -20.45 22.41
C GLU A 206 12.68 -19.89 23.71
N ARG A 207 12.69 -20.72 24.76
CA ARG A 207 13.19 -20.28 26.05
C ARG A 207 14.60 -19.73 25.94
N GLU A 208 15.43 -20.33 25.08
CA GLU A 208 16.82 -19.91 24.94
C GLU A 208 16.96 -18.63 24.13
N PHE A 209 16.10 -18.42 23.14
CA PHE A 209 16.07 -17.15 22.44
C PHE A 209 15.51 -16.05 23.31
N LYS A 210 14.56 -16.39 24.18
CA LYS A 210 14.00 -15.39 25.08
C LYS A 210 15.01 -14.97 26.14
N LYS A 211 15.97 -15.83 26.51
CA LYS A 211 17.10 -15.41 27.32
C LYS A 211 17.92 -14.32 26.65
N LEU A 212 17.80 -14.15 25.34
CA LEU A 212 18.56 -13.14 24.61
C LEU A 212 17.84 -11.81 24.52
N SER A 213 16.73 -11.64 25.24
CA SER A 213 16.02 -10.37 25.27
C SER A 213 16.60 -9.40 26.30
N ARG A 214 17.73 -9.72 26.93
CA ARG A 214 18.48 -8.90 27.88
C ARG A 214 19.14 -7.74 27.12
N PRO A 215 19.83 -6.80 27.77
CA PRO A 215 20.42 -5.67 27.02
C PRO A 215 21.84 -5.95 26.56
N LEU A 216 22.17 -5.44 25.37
CA LEU A 216 23.53 -5.61 24.86
C LEU A 216 24.54 -4.91 25.77
N PRO A 217 25.77 -5.40 25.85
CA PRO A 217 26.78 -4.70 26.66
C PRO A 217 26.90 -3.26 26.19
N ASP A 218 26.96 -2.34 27.16
CA ASP A 218 26.93 -0.90 26.90
C ASP A 218 28.36 -0.39 26.93
N ASP A 219 28.96 -0.30 25.76
CA ASP A 219 30.26 0.32 25.59
C ASP A 219 30.20 1.21 24.35
N GLU A 220 31.35 1.70 23.90
CA GLU A 220 31.39 2.59 22.76
C GLU A 220 31.13 1.88 21.44
N ILE A 221 30.79 0.60 21.47
CA ILE A 221 30.44 -0.15 20.26
C ILE A 221 28.97 0.15 19.98
N ILE A 222 28.71 1.12 19.11
CA ILE A 222 27.34 1.42 18.74
C ILE A 222 26.72 0.22 18.03
N PRO A 223 25.60 -0.30 18.52
CA PRO A 223 25.06 -1.56 17.98
C PRO A 223 24.16 -1.30 16.79
N ALA A 224 24.12 -2.26 15.88
CA ALA A 224 23.16 -2.23 14.78
C ALA A 224 21.78 -2.70 15.25
N GLU A 225 20.74 -2.15 14.64
CA GLU A 225 19.37 -2.46 15.03
C GLU A 225 18.56 -2.84 13.80
N LEU A 226 17.83 -3.96 13.87
CA LEU A 226 17.08 -4.53 12.75
C LEU A 226 15.60 -4.60 13.11
N TYR A 227 14.76 -3.94 12.32
CA TYR A 227 13.32 -3.93 12.54
C TYR A 227 12.62 -4.25 11.23
N SER A 228 11.34 -4.62 11.33
CA SER A 228 10.62 -5.21 10.20
C SER A 228 10.26 -4.18 9.15
N THR A 229 9.70 -3.05 9.60
CA THR A 229 9.13 -2.00 8.77
C THR A 229 10.01 -0.78 8.81
N ARG A 230 9.74 0.17 7.92
CA ARG A 230 10.66 1.30 7.84
C ARG A 230 10.42 2.30 8.97
N MET A 231 9.19 2.37 9.50
CA MET A 231 8.90 3.26 10.62
C MET A 231 9.83 2.97 11.78
N GLU A 232 9.76 1.76 12.32
CA GLU A 232 10.56 1.47 13.48
C GLU A 232 12.05 1.65 13.20
N VAL A 233 12.47 1.49 11.95
CA VAL A 233 13.88 1.71 11.60
C VAL A 233 14.21 3.20 11.71
N GLU A 234 13.49 4.02 10.93
CA GLU A 234 13.60 5.48 11.00
C GLU A 234 13.54 6.01 12.43
N ARG A 235 12.63 5.46 13.24
CA ARG A 235 12.54 5.87 14.63
C ARG A 235 13.82 5.52 15.39
N ALA A 236 14.36 4.33 15.19
CA ALA A 236 15.55 3.96 15.97
C ALA A 236 16.81 4.63 15.45
N ASN A 237 16.80 5.13 14.22
CA ASN A 237 17.92 5.90 13.72
C ASN A 237 17.93 7.29 14.31
N ASN A 238 16.75 7.85 14.55
CA ASN A 238 16.70 9.11 15.28
C ASN A 238 17.07 8.88 16.73
N SER A 239 16.46 7.86 17.37
CA SER A 239 16.79 7.58 18.76
C SER A 239 18.29 7.42 18.94
N ARG A 240 18.99 7.07 17.88
CA ARG A 240 20.45 7.12 17.93
C ARG A 240 21.01 8.49 17.57
N LEU A 241 20.42 9.22 16.61
CA LEU A 241 20.91 10.57 16.31
C LEU A 241 20.75 11.50 17.53
N SER A 242 19.60 11.43 18.20
CA SER A 242 19.41 12.21 19.42
C SER A 242 20.48 11.86 20.45
N LYS A 243 20.94 10.61 20.48
CA LYS A 243 21.98 10.20 21.42
C LYS A 243 23.38 10.56 20.97
N LEU A 244 23.53 11.20 19.86
CA LEU A 244 24.86 11.50 19.38
C LEU A 244 25.24 12.93 19.71
N PRO A 245 26.43 13.18 20.25
CA PRO A 245 26.84 14.56 20.55
C PRO A 245 26.79 15.47 19.33
N GLY A 246 26.28 16.69 19.53
CA GLY A 246 26.21 17.66 18.46
C GLY A 246 24.80 18.05 18.03
N GLN A 247 24.65 19.22 17.43
CA GLN A 247 23.37 19.63 16.88
C GLN A 247 23.01 18.79 15.65
N VAL A 248 21.71 18.72 15.36
CA VAL A 248 21.31 18.17 14.07
C VAL A 248 21.51 19.25 13.02
N HIS A 249 21.74 18.84 11.77
CA HIS A 249 21.74 19.72 10.61
C HIS A 249 20.55 19.32 9.77
N ILE A 250 19.51 20.13 9.78
CA ILE A 250 18.29 19.84 9.04
C ILE A 250 18.51 20.23 7.58
N PHE A 251 18.21 19.30 6.69
CA PHE A 251 18.26 19.54 5.25
C PHE A 251 16.83 19.45 4.74
N ASN A 252 16.31 20.59 4.29
CA ASN A 252 14.91 20.71 3.93
C ASN A 252 14.71 20.56 2.43
N ALA A 253 13.73 19.74 2.07
CA ALA A 253 13.51 19.44 0.67
C ALA A 253 12.87 20.61 -0.05
N ILE A 254 13.23 20.75 -1.33
CA ILE A 254 12.63 21.70 -2.26
C ILE A 254 11.67 20.94 -3.16
N ASP A 255 10.41 21.41 -3.28
CA ASP A 255 9.32 20.67 -3.92
C ASP A 255 8.57 21.47 -4.99
N GLY A 256 8.28 20.80 -6.12
CA GLY A 256 7.41 21.32 -7.19
C GLY A 256 7.02 20.19 -8.14
N GLY A 257 6.46 20.51 -9.31
CA GLY A 257 5.95 21.80 -9.74
C GLY A 257 4.61 21.85 -10.53
N ALA A 258 3.67 20.92 -10.34
CA ALA A 258 2.38 20.93 -11.03
C ALA A 258 1.25 21.44 -10.13
N LEU A 259 0.08 21.68 -10.74
CA LEU A 259 -0.98 22.45 -10.10
C LEU A 259 -1.59 21.66 -8.94
N GLU A 260 -2.59 22.26 -8.30
CA GLU A 260 -2.95 21.97 -6.91
C GLU A 260 -3.65 20.62 -6.81
N ASP A 261 -2.88 19.58 -6.45
CA ASP A 261 -3.41 18.30 -5.97
C ASP A 261 -2.81 18.00 -4.61
N GLU A 262 -3.67 17.70 -3.63
CA GLU A 262 -3.18 17.36 -2.29
C GLU A 262 -3.91 16.20 -1.59
N GLU A 263 -4.75 15.42 -2.30
CA GLU A 263 -5.40 14.28 -1.66
C GLU A 263 -4.41 13.13 -1.43
N LEU A 264 -3.45 12.98 -2.33
CA LEU A 264 -2.35 12.05 -2.18
C LEU A 264 -1.01 12.66 -2.55
N LYS A 265 -0.95 13.93 -2.97
CA LYS A 265 0.32 14.44 -3.50
C LYS A 265 1.40 14.49 -2.43
N GLU A 266 1.03 14.61 -1.16
CA GLU A 266 2.00 14.47 -0.08
C GLU A 266 2.04 13.06 0.50
N ARG A 267 0.94 12.31 0.43
CA ARG A 267 1.06 10.86 0.38
C ARG A 267 1.99 10.45 -0.75
N LEU A 268 2.01 11.22 -1.87
CA LEU A 268 3.03 11.08 -2.91
C LEU A 268 4.39 11.62 -2.51
N LEU A 269 4.45 12.53 -1.55
CA LEU A 269 5.70 13.18 -1.21
C LEU A 269 6.26 12.73 0.14
N GLN A 270 5.45 12.07 0.98
CA GLN A 270 6.02 11.16 1.97
C GLN A 270 6.55 9.90 1.28
N ASN A 271 5.79 9.40 0.31
CA ASN A 271 6.17 8.28 -0.57
C ASN A 271 7.19 8.77 -1.59
N PHE A 272 8.39 9.08 -1.10
CA PHE A 272 9.52 9.30 -1.98
C PHE A 272 10.80 8.60 -1.56
N LEU A 273 10.93 8.19 -0.29
CA LEU A 273 12.17 7.71 0.33
C LEU A 273 13.12 8.87 0.57
N ALA A 274 12.75 10.05 0.08
CA ALA A 274 13.52 11.28 0.24
C ALA A 274 12.75 12.08 1.26
N PRO A 275 13.11 12.00 2.53
CA PRO A 275 12.27 12.63 3.56
C PRO A 275 12.21 14.12 3.31
N LYS A 276 11.04 14.71 3.61
CA LYS A 276 10.90 16.16 3.47
C LYS A 276 11.92 16.87 4.34
N GLU A 277 12.44 16.15 5.34
CA GLU A 277 13.34 16.72 6.34
C GLU A 277 14.33 15.63 6.74
N LEU A 278 15.60 15.87 6.45
CA LEU A 278 16.68 14.93 6.70
C LEU A 278 17.61 15.52 7.74
N HIS A 279 17.81 14.82 8.86
CA HIS A 279 18.67 15.28 9.94
C HIS A 279 19.96 14.49 9.93
N LEU A 280 21.08 15.17 10.11
CA LEU A 280 22.38 14.51 10.19
C LEU A 280 23.20 15.10 11.33
N LYS A 281 24.28 14.44 11.70
CA LYS A 281 25.24 14.93 12.71
C LYS A 281 26.65 14.47 12.33
N VAL A 282 27.67 15.13 12.89
CA VAL A 282 29.04 14.67 12.69
C VAL A 282 29.23 13.36 13.42
N GLY A 283 29.73 12.36 12.69
CA GLY A 283 29.92 11.04 13.23
C GLY A 283 28.76 10.11 13.00
N ALA A 284 27.68 10.59 12.39
CA ALA A 284 26.57 9.74 11.99
C ALA A 284 26.99 8.76 10.91
N GLN A 285 26.19 7.71 10.77
CA GLN A 285 26.40 6.68 9.77
C GLN A 285 25.30 6.79 8.72
N VAL A 286 25.70 7.06 7.47
CA VAL A 286 24.76 7.22 6.37
C VAL A 286 24.99 6.14 5.34
N MET A 287 23.96 5.94 4.51
CA MET A 287 23.96 5.03 3.36
C MET A 287 23.44 5.75 2.13
N MET A 288 24.21 5.72 1.04
CA MET A 288 23.75 6.30 -0.21
C MET A 288 22.47 5.60 -0.68
N VAL A 289 21.56 6.33 -1.34
CA VAL A 289 20.31 5.72 -1.79
C VAL A 289 20.07 6.00 -3.28
N LYS A 290 21.06 6.53 -3.96
CA LYS A 290 20.94 6.76 -5.38
C LYS A 290 22.21 6.25 -6.04
N ASN A 291 22.05 5.53 -7.14
CA ASN A 291 23.20 5.14 -7.95
C ASN A 291 23.78 6.41 -8.56
N LEU A 292 24.99 6.79 -8.15
CA LEU A 292 25.56 8.05 -8.64
C LEU A 292 26.77 7.87 -9.55
N ASP A 293 27.69 6.95 -9.24
CA ASP A 293 28.80 6.66 -10.14
C ASP A 293 29.22 5.19 -9.98
N ALA A 294 30.43 4.87 -10.45
CA ALA A 294 30.89 3.49 -10.54
C ALA A 294 31.07 2.84 -9.16
N THR A 295 31.61 3.55 -8.19
CA THR A 295 31.79 3.00 -6.85
C THR A 295 30.94 3.68 -5.77
N LEU A 296 30.10 4.65 -6.13
CA LEU A 296 29.20 5.33 -5.20
C LEU A 296 27.77 5.03 -5.63
N VAL A 297 27.21 3.97 -5.06
CA VAL A 297 25.93 3.45 -5.51
C VAL A 297 24.99 3.32 -4.33
N ASN A 298 23.71 3.16 -4.65
CA ASN A 298 22.71 2.83 -3.66
C ASN A 298 23.19 1.65 -2.83
N GLY A 299 23.40 1.87 -1.53
CA GLY A 299 23.94 0.87 -0.64
C GLY A 299 25.38 1.08 -0.22
N SER A 300 26.02 2.18 -0.60
CA SER A 300 27.30 2.52 0.02
C SER A 300 27.08 3.13 1.40
N LEU A 301 27.84 2.64 2.37
CA LEU A 301 27.77 3.14 3.74
C LEU A 301 28.92 4.11 3.98
N GLY A 302 28.68 5.05 4.89
CA GLY A 302 29.64 6.10 5.14
C GLY A 302 29.37 6.69 6.49
N LYS A 303 30.29 7.57 6.90
CA LYS A 303 30.25 8.24 8.20
C LYS A 303 30.55 9.71 8.00
N VAL A 304 29.64 10.60 8.39
CA VAL A 304 29.81 12.04 8.15
C VAL A 304 31.00 12.58 8.93
N ILE A 305 31.90 13.28 8.24
CA ILE A 305 33.15 13.75 8.83
C ILE A 305 32.99 15.13 9.44
N GLU A 306 32.34 16.02 8.69
CA GLU A 306 31.90 17.35 9.10
C GLU A 306 31.15 17.87 7.89
N PHE A 307 30.55 19.04 8.03
CA PHE A 307 29.83 19.70 6.93
C PHE A 307 30.61 20.90 6.42
N MET A 308 30.70 21.06 5.11
CA MET A 308 31.40 22.19 4.52
C MET A 308 30.58 22.77 3.39
N ASP A 309 31.09 23.83 2.81
CA ASP A 309 30.66 24.25 1.51
C ASP A 309 31.73 23.89 0.50
N PRO A 310 31.40 23.95 -0.81
CA PRO A 310 32.41 23.79 -1.85
C PRO A 310 33.76 24.43 -1.59
N GLU A 311 33.77 25.74 -1.30
CA GLU A 311 35.03 26.46 -1.12
C GLU A 311 35.78 26.00 0.12
N THR A 312 35.07 25.92 1.26
CA THR A 312 35.66 25.38 2.49
C THR A 312 36.14 23.95 2.28
N TYR A 313 35.51 23.21 1.35
CA TYR A 313 35.92 21.83 1.05
C TYR A 313 37.13 21.80 0.12
N PHE A 314 37.09 22.59 -0.96
CA PHE A 314 38.23 22.67 -1.87
C PHE A 314 39.54 22.89 -1.12
N CYS A 315 39.48 23.69 -0.03
CA CYS A 315 40.65 23.93 0.83
C CYS A 315 40.97 22.71 1.69
N TYR A 316 39.95 22.15 2.35
CA TYR A 316 40.16 20.96 3.16
C TYR A 316 40.80 19.84 2.37
N GLU A 317 40.38 19.68 1.11
CA GLU A 317 40.96 18.64 0.25
C GLU A 317 42.43 18.91 -0.01
N ALA A 318 42.77 20.17 -0.28
CA ALA A 318 44.15 20.54 -0.50
C ALA A 318 45.03 20.03 0.64
N LEU A 319 44.53 20.15 1.88
CA LEU A 319 45.36 19.82 3.03
C LEU A 319 45.45 18.32 3.25
N THR A 320 44.43 17.57 2.87
CA THR A 320 44.54 16.12 2.98
C THR A 320 45.53 15.56 1.95
N ASN A 321 45.62 16.17 0.76
CA ASN A 321 46.53 15.71 -0.27
C ASN A 321 47.97 16.15 -0.04
N ASP A 322 48.19 17.25 0.69
CA ASP A 322 49.52 17.71 1.10
C ASP A 322 49.50 17.92 2.61
N PRO A 323 49.54 16.84 3.40
CA PRO A 323 49.32 16.97 4.85
C PRO A 323 50.42 17.72 5.59
N SER A 324 51.57 17.92 4.95
CA SER A 324 52.66 18.73 5.49
C SER A 324 52.87 20.00 4.66
N MET A 325 51.76 20.58 4.20
CA MET A 325 51.83 21.77 3.36
C MET A 325 52.46 22.94 4.11
N PRO A 326 53.11 23.85 3.40
CA PRO A 326 53.57 25.10 4.04
C PRO A 326 52.38 25.97 4.40
N PRO A 327 52.32 26.47 5.64
CA PRO A 327 51.13 27.22 6.09
C PRO A 327 50.82 28.48 5.27
N GLU A 328 51.72 28.90 4.36
CA GLU A 328 51.49 30.14 3.63
C GLU A 328 50.39 29.98 2.60
N LYS A 329 50.38 28.85 1.90
CA LYS A 329 49.41 28.61 0.84
C LYS A 329 47.98 28.79 1.32
N LEU A 330 47.74 28.52 2.60
CA LEU A 330 46.40 28.62 3.16
C LEU A 330 45.99 30.08 3.29
N GLU A 331 46.82 30.89 3.95
CA GLU A 331 46.47 32.29 4.22
C GLU A 331 46.17 33.04 2.93
N THR A 332 46.73 32.59 1.80
CA THR A 332 46.42 33.21 0.52
C THR A 332 44.95 32.99 0.15
N TRP A 333 44.38 31.82 0.46
CA TRP A 333 42.95 31.61 0.30
C TRP A 333 42.15 31.89 1.56
N ALA A 334 42.79 31.87 2.73
CA ALA A 334 42.11 32.28 3.97
C ALA A 334 41.79 33.77 3.93
N GLU A 335 42.82 34.60 3.81
CA GLU A 335 42.69 36.05 3.95
C GLU A 335 42.53 36.76 2.60
N ASN A 336 42.58 36.03 1.48
CA ASN A 336 42.34 36.59 0.16
C ASN A 336 41.31 35.73 -0.58
N PRO A 337 40.07 35.67 -0.07
CA PRO A 337 39.08 34.71 -0.62
C PRO A 337 38.64 35.02 -2.04
N SER A 338 39.03 36.17 -2.59
CA SER A 338 38.79 36.41 -4.01
C SER A 338 39.56 35.39 -4.85
N LYS A 339 40.86 35.21 -4.55
CA LYS A 339 41.73 34.31 -5.29
C LYS A 339 41.48 32.83 -4.96
N LEU A 340 40.61 32.52 -3.98
CA LEU A 340 40.28 31.13 -3.73
C LEU A 340 39.32 30.60 -4.78
N LYS A 341 38.22 31.33 -5.05
CA LYS A 341 37.35 30.98 -6.16
C LYS A 341 38.11 31.02 -7.48
N ALA A 342 39.19 31.81 -7.55
CA ALA A 342 40.07 31.76 -8.71
C ALA A 342 40.69 30.37 -8.87
N ALA A 343 41.46 29.93 -7.88
CA ALA A 343 42.12 28.64 -7.96
C ALA A 343 41.15 27.47 -8.00
N MET A 344 39.93 27.63 -7.48
CA MET A 344 39.02 26.49 -7.35
C MET A 344 38.28 26.17 -8.65
N GLU A 345 37.45 27.09 -9.15
CA GLU A 345 36.58 26.76 -10.27
C GLU A 345 37.29 26.88 -11.61
N ARG A 346 38.62 27.01 -11.57
CA ARG A 346 39.45 26.84 -12.74
C ARG A 346 39.60 25.37 -13.13
N GLU A 347 39.27 24.43 -12.22
CA GLU A 347 39.51 23.00 -12.43
C GLU A 347 38.69 22.40 -13.57
N GLN A 348 37.81 23.20 -14.19
CA GLN A 348 37.07 22.73 -15.37
C GLN A 348 36.45 23.90 -16.12
N ARG A 359 18.76 23.24 -16.68
CA ARG A 359 17.93 24.26 -16.06
C ARG A 359 17.73 24.03 -14.54
N LYS A 360 17.91 22.79 -14.10
CA LYS A 360 17.77 22.40 -12.69
C LYS A 360 18.82 23.01 -11.76
N SER A 361 19.77 23.78 -12.29
CA SER A 361 20.91 24.24 -11.49
C SER A 361 20.52 25.31 -10.47
N SER A 362 19.43 26.06 -10.72
CA SER A 362 19.01 27.07 -9.76
C SER A 362 18.21 26.47 -8.61
N VAL A 363 17.50 25.36 -8.86
CA VAL A 363 16.71 24.74 -7.80
C VAL A 363 17.63 24.11 -6.76
N LYS A 364 18.69 23.43 -7.19
CA LYS A 364 19.68 22.90 -6.27
C LYS A 364 20.63 23.98 -5.78
N GLU A 365 20.43 25.23 -6.21
CA GLU A 365 21.19 26.35 -5.67
C GLU A 365 20.62 26.78 -4.34
N GLY A 366 19.33 27.13 -4.32
CA GLY A 366 18.68 27.54 -3.09
C GLY A 366 18.57 26.45 -2.04
N PHE A 367 19.08 25.24 -2.34
CA PHE A 367 19.02 24.12 -1.41
C PHE A 367 20.24 24.09 -0.50
N ALA A 368 19.99 23.97 0.82
CA ALA A 368 21.02 23.98 1.88
C ALA A 368 21.73 25.34 1.99
N LYS A 369 20.98 26.42 1.74
CA LYS A 369 21.52 27.77 1.81
C LYS A 369 21.34 28.32 3.22
N SER A 370 22.44 28.38 3.97
CA SER A 370 22.42 29.13 5.21
C SER A 370 22.10 30.58 4.92
N ASP A 371 21.44 31.22 5.87
CA ASP A 371 21.08 32.62 5.72
C ASP A 371 22.33 33.49 5.71
N ILE A 372 22.20 34.72 5.20
CA ILE A 372 23.35 35.61 5.04
C ILE A 372 24.04 35.90 6.37
N GLY A 373 23.29 35.90 7.47
CA GLY A 373 23.84 36.22 8.77
C GLY A 373 23.93 35.08 9.76
N GLU A 374 23.24 33.98 9.52
CA GLU A 374 23.22 32.88 10.47
C GLU A 374 24.64 32.46 10.85
N PRO A 375 24.94 32.36 12.14
CA PRO A 375 26.30 31.98 12.57
C PRO A 375 26.67 30.58 12.09
N VAL A 376 27.96 30.28 12.17
CA VAL A 376 28.56 29.10 11.54
C VAL A 376 29.35 28.32 12.58
N SER A 377 28.79 27.20 13.02
CA SER A 377 29.47 26.39 14.03
C SER A 377 30.85 26.01 13.52
N PRO A 378 31.89 26.18 14.31
CA PRO A 378 33.23 25.84 13.82
C PRO A 378 33.35 24.34 13.58
N LEU A 379 34.33 23.98 12.74
CA LEU A 379 34.64 22.59 12.45
C LEU A 379 35.06 21.84 13.70
N ASP A 380 34.93 20.52 13.64
CA ASP A 380 35.29 19.66 14.76
C ASP A 380 36.79 19.43 14.79
N SER A 381 37.33 19.23 15.99
CA SER A 381 38.74 18.88 16.06
C SER A 381 39.00 17.44 15.62
N SER A 382 37.94 16.65 15.38
CA SER A 382 38.13 15.34 14.77
C SER A 382 38.73 15.47 13.39
N VAL A 383 38.25 16.44 12.61
CA VAL A 383 38.61 16.51 11.20
C VAL A 383 40.06 16.90 11.01
N PHE A 384 40.79 17.20 12.08
CA PHE A 384 42.20 17.51 11.98
C PHE A 384 43.07 16.46 12.68
N ASP A 385 42.54 15.25 12.88
CA ASP A 385 43.31 14.16 13.46
C ASP A 385 44.29 13.54 12.47
N PHE A 386 44.10 13.76 11.17
CA PHE A 386 45.05 13.22 10.21
C PHE A 386 46.43 13.88 10.29
N MET A 387 46.50 15.13 10.77
CA MET A 387 47.76 15.81 11.00
C MET A 387 48.36 15.47 12.35
N LYS A 388 47.70 14.59 13.10
CA LYS A 388 48.00 14.32 14.50
C LYS A 388 48.62 12.93 14.66
N ARG A 389 49.49 12.58 13.71
CA ARG A 389 50.43 11.46 13.82
C ARG A 389 50.96 11.21 15.23
N VAL A 396 56.16 14.96 16.16
CA VAL A 396 55.48 15.62 17.26
C VAL A 396 56.53 16.24 18.22
N VAL A 397 57.65 16.70 17.64
CA VAL A 397 58.81 17.09 18.44
C VAL A 397 58.92 18.60 18.67
N LEU A 398 59.05 19.39 17.60
CA LEU A 398 59.63 20.72 17.74
C LEU A 398 58.66 21.85 17.44
N GLU A 399 58.02 21.88 16.27
CA GLU A 399 57.26 23.07 15.87
C GLU A 399 55.90 22.67 15.27
N ASN A 400 54.87 22.76 16.11
CA ASN A 400 53.49 22.64 15.66
C ASN A 400 53.12 23.88 14.86
N ILE A 401 52.98 23.72 13.55
CA ILE A 401 52.66 24.86 12.70
C ILE A 401 51.30 24.60 12.07
N LYS A 402 50.43 23.90 12.81
CA LYS A 402 48.98 24.00 12.62
C LYS A 402 48.41 25.26 13.30
N ARG A 403 48.96 26.41 12.89
CA ARG A 403 48.11 27.56 12.62
C ARG A 403 47.17 27.25 11.45
N LYS A 404 47.57 26.30 10.60
CA LYS A 404 46.74 25.77 9.52
C LYS A 404 45.38 25.30 10.01
N GLU A 405 45.36 24.68 11.18
CA GLU A 405 44.09 24.31 11.79
C GLU A 405 43.20 25.55 12.01
N GLN A 406 43.76 26.64 12.54
CA GLN A 406 42.97 27.85 12.68
C GLN A 406 42.65 28.48 11.32
N LEU A 407 43.56 28.36 10.36
CA LEU A 407 43.36 28.94 9.04
C LEU A 407 42.11 28.38 8.36
N MET A 408 42.00 27.05 8.32
CA MET A 408 40.80 26.41 7.78
C MET A 408 39.57 26.95 8.43
N GLN A 409 39.64 27.13 9.74
CA GLN A 409 38.47 27.54 10.49
C GLN A 409 37.96 28.91 10.06
N THR A 410 38.90 29.82 9.77
CA THR A 410 38.53 31.13 9.23
C THR A 410 37.87 30.99 7.87
N ILE A 411 38.40 30.09 7.03
CA ILE A 411 37.79 29.86 5.72
C ILE A 411 36.38 29.35 5.89
N HIS A 412 36.17 28.47 6.87
CA HIS A 412 34.84 27.93 7.04
C HIS A 412 33.87 29.03 7.43
N GLN A 413 34.32 29.97 8.27
CA GLN A 413 33.42 31.01 8.72
C GLN A 413 32.93 31.89 7.57
N ASN A 414 33.70 31.98 6.46
CA ASN A 414 33.25 32.80 5.34
C ASN A 414 32.03 32.22 4.65
N SER A 415 31.71 30.93 4.91
CA SER A 415 30.59 30.25 4.28
C SER A 415 29.26 30.70 4.83
N ALA A 416 29.29 31.75 5.65
CA ALA A 416 28.06 32.39 6.11
C ALA A 416 27.24 32.81 4.91
N GLY A 417 26.04 32.25 4.80
CA GLY A 417 25.23 32.43 3.63
C GLY A 417 25.49 31.45 2.51
N LYS A 418 26.63 30.77 2.54
CA LYS A 418 26.97 29.77 1.53
C LYS A 418 26.24 28.45 1.81
N ARG A 419 26.47 27.48 0.93
CA ARG A 419 25.75 26.21 0.88
C ARG A 419 26.55 25.14 1.63
N ARG A 420 26.10 24.75 2.83
CA ARG A 420 26.84 23.78 3.64
C ARG A 420 26.26 22.38 3.49
N LEU A 421 27.13 21.40 3.14
CA LEU A 421 26.82 20.01 2.65
C LEU A 421 27.68 18.92 3.27
N PRO A 422 27.09 17.79 3.67
CA PRO A 422 27.82 16.85 4.53
C PRO A 422 28.98 16.21 3.76
N LEU A 423 30.16 16.25 4.37
CA LEU A 423 31.34 15.61 3.82
C LEU A 423 31.43 14.20 4.37
N VAL A 424 31.20 13.20 3.50
CA VAL A 424 31.11 11.79 3.93
C VAL A 424 32.37 11.04 3.50
N ARG A 425 32.87 10.21 4.41
CA ARG A 425 33.83 9.15 4.13
C ARG A 425 33.02 7.88 3.97
N PHE A 426 33.11 7.30 2.76
CA PHE A 426 32.53 6.02 2.43
C PHE A 426 33.62 4.95 2.37
N LYS A 427 33.30 3.76 2.90
CA LYS A 427 34.20 2.60 2.91
C LYS A 427 33.60 1.55 1.97
N ALA A 428 34.27 1.34 0.84
CA ALA A 428 33.69 0.61 -0.26
C ALA A 428 33.80 -0.89 -0.02
N SER A 429 33.48 -1.68 -1.05
CA SER A 429 33.54 -3.14 -0.98
C SER A 429 34.93 -3.64 -0.59
N ASP A 430 35.96 -3.17 -1.30
CA ASP A 430 37.35 -3.53 -1.05
C ASP A 430 37.98 -2.72 0.08
N MET A 431 37.14 -2.09 0.90
CA MET A 431 37.53 -1.24 2.02
C MET A 431 38.33 -0.01 1.58
N SER A 432 38.30 0.30 0.28
CA SER A 432 38.86 1.54 -0.21
C SER A 432 37.96 2.69 0.21
N THR A 433 38.49 3.61 1.01
CA THR A 433 37.72 4.72 1.51
C THR A 433 37.78 5.89 0.52
N ARG A 434 36.65 6.59 0.39
CA ARG A 434 36.57 7.72 -0.54
C ARG A 434 35.65 8.79 0.02
N MET A 435 36.17 10.02 0.13
CA MET A 435 35.45 11.17 0.66
C MET A 435 34.81 11.99 -0.45
N VAL A 436 33.52 12.25 -0.30
CA VAL A 436 32.73 12.98 -1.27
C VAL A 436 31.86 14.00 -0.54
N LEU A 437 31.60 15.12 -1.21
CA LEU A 437 30.72 16.15 -0.66
C LEU A 437 29.34 15.98 -1.30
N VAL A 438 28.36 15.60 -0.49
CA VAL A 438 27.13 15.04 -1.02
C VAL A 438 26.17 16.14 -1.47
N GLU A 439 26.28 16.58 -2.72
CA GLU A 439 25.30 17.51 -3.25
C GLU A 439 23.91 16.88 -3.27
N PRO A 440 22.86 17.68 -3.31
CA PRO A 440 21.52 17.10 -3.40
C PRO A 440 21.29 16.46 -4.76
N GLU A 441 20.59 15.33 -4.75
CA GLU A 441 20.02 14.78 -5.97
C GLU A 441 18.53 15.09 -5.98
N ASP A 442 17.87 14.76 -7.09
CA ASP A 442 16.48 15.12 -7.23
C ASP A 442 15.69 13.93 -7.73
N TRP A 443 14.46 13.82 -7.24
CA TRP A 443 13.55 12.76 -7.63
C TRP A 443 12.32 13.40 -8.26
N ALA A 444 11.67 12.62 -9.11
CA ALA A 444 10.48 13.09 -9.79
C ALA A 444 9.75 11.87 -10.33
N ILE A 445 8.44 11.88 -10.17
CA ILE A 445 7.56 11.04 -10.96
C ILE A 445 7.04 11.93 -12.09
N GLU A 446 7.15 11.43 -13.33
CA GLU A 446 6.88 12.23 -14.51
C GLU A 446 5.87 11.51 -15.38
N ASP A 447 5.11 12.29 -16.15
CA ASP A 447 4.08 11.76 -17.04
C ASP A 447 4.70 11.39 -18.37
N GLU A 448 3.85 11.06 -19.35
CA GLU A 448 4.33 10.82 -20.71
C GLU A 448 4.98 12.06 -21.32
N ASN A 449 4.67 13.25 -20.80
CA ASN A 449 5.23 14.51 -21.27
C ASN A 449 6.41 15.00 -20.42
N GLU A 450 6.82 14.22 -19.41
CA GLU A 450 7.92 14.50 -18.48
C GLU A 450 7.65 15.72 -17.59
N LYS A 451 6.46 16.30 -17.68
CA LYS A 451 6.02 17.56 -17.07
C LYS A 451 6.35 17.60 -15.58
N PRO A 452 6.50 18.83 -15.00
CA PRO A 452 6.79 18.94 -13.56
C PRO A 452 5.58 18.56 -12.73
N LEU A 453 5.33 17.26 -12.59
CA LEU A 453 4.21 16.80 -11.80
C LEU A 453 4.51 16.87 -10.30
N VAL A 454 5.53 16.15 -9.86
CA VAL A 454 5.93 16.11 -8.46
C VAL A 454 7.44 15.98 -8.37
N SER A 455 8.12 16.96 -7.79
CA SER A 455 9.58 16.96 -7.72
C SER A 455 10.05 17.15 -6.29
N ARG A 456 11.26 16.66 -5.98
CA ARG A 456 11.84 16.86 -4.66
C ARG A 456 13.37 16.85 -4.72
N VAL A 457 13.99 17.98 -4.32
CA VAL A 457 15.43 18.03 -4.10
C VAL A 457 15.74 17.63 -2.67
N GLN A 458 16.75 16.79 -2.49
CA GLN A 458 17.05 16.27 -1.16
C GLN A 458 18.42 15.62 -1.22
N LEU A 459 19.05 15.48 -0.07
CA LEU A 459 20.31 14.75 -0.02
C LEU A 459 20.05 13.26 -0.24
N PRO A 460 20.87 12.56 -1.06
CA PRO A 460 20.59 11.14 -1.30
C PRO A 460 21.24 10.25 -0.25
N LEU A 461 20.93 10.52 1.03
CA LEU A 461 21.51 9.84 2.19
C LEU A 461 20.41 9.48 3.17
N MET A 462 20.57 8.32 3.81
CA MET A 462 19.70 7.87 4.89
C MET A 462 20.58 7.50 6.07
N LEU A 463 20.03 7.56 7.28
CA LEU A 463 20.82 7.10 8.41
C LEU A 463 20.91 5.58 8.39
N ALA A 464 22.04 5.04 8.81
CA ALA A 464 22.32 3.62 8.64
C ALA A 464 22.84 2.96 9.92
N TRP A 465 22.25 3.28 11.06
CA TRP A 465 22.49 2.39 12.19
C TRP A 465 21.48 1.25 12.19
N SER A 466 20.24 1.54 11.81
CA SER A 466 19.16 0.58 11.66
C SER A 466 18.88 0.26 10.20
N LEU A 467 18.49 -0.98 9.94
CA LEU A 467 18.18 -1.45 8.60
C LEU A 467 16.90 -2.26 8.65
N SER A 468 16.08 -2.14 7.61
CA SER A 468 14.98 -3.06 7.49
C SER A 468 15.55 -4.46 7.41
N ILE A 469 14.79 -5.46 7.84
CA ILE A 469 15.33 -6.82 7.78
C ILE A 469 15.68 -7.19 6.34
N HIS A 470 15.00 -6.58 5.36
CA HIS A 470 15.28 -6.84 3.96
C HIS A 470 16.66 -6.33 3.55
N LYS A 471 16.95 -5.07 3.87
CA LYS A 471 18.28 -4.58 3.57
C LYS A 471 19.32 -5.23 4.46
N SER A 472 18.90 -5.82 5.58
CA SER A 472 19.84 -6.49 6.47
C SER A 472 20.38 -7.77 5.87
N GLN A 473 19.62 -8.39 4.93
CA GLN A 473 19.99 -9.66 4.30
C GLN A 473 21.26 -9.51 3.51
N GLY A 474 22.26 -10.32 3.87
CA GLY A 474 23.57 -10.30 3.25
C GLY A 474 24.70 -9.92 4.19
N GLN A 475 24.41 -9.09 5.21
CA GLN A 475 25.40 -8.48 6.10
C GLN A 475 25.67 -9.35 7.31
N THR A 476 26.86 -9.16 7.90
CA THR A 476 27.21 -9.79 9.17
C THR A 476 27.31 -8.71 10.26
N LEU A 477 26.40 -8.77 11.23
CA LEU A 477 26.33 -7.76 12.29
C LEU A 477 26.80 -8.36 13.62
N PRO A 478 28.08 -8.24 13.97
CA PRO A 478 28.56 -8.84 15.23
C PRO A 478 27.77 -8.43 16.46
N LYS A 479 27.62 -7.12 16.69
CA LYS A 479 26.79 -6.56 17.75
C LYS A 479 25.53 -5.96 17.12
N VAL A 480 24.37 -6.51 17.49
CA VAL A 480 23.11 -6.25 16.79
C VAL A 480 21.94 -6.44 17.74
N LYS A 481 20.94 -5.58 17.59
CA LYS A 481 19.66 -5.68 18.27
C LYS A 481 18.57 -6.01 17.26
N VAL A 482 17.66 -6.93 17.60
CA VAL A 482 16.62 -7.38 16.68
C VAL A 482 15.26 -7.24 17.38
N ASP A 483 14.30 -6.62 16.69
CA ASP A 483 12.94 -6.42 17.22
C ASP A 483 11.97 -7.00 16.19
N LEU A 484 11.52 -8.22 16.46
CA LEU A 484 10.60 -8.93 15.58
C LEU A 484 9.16 -8.59 15.92
N ARG A 485 8.89 -7.29 15.96
CA ARG A 485 7.60 -6.83 16.44
C ARG A 485 6.57 -6.85 15.32
N ARG A 486 7.02 -6.60 14.09
CA ARG A 486 6.09 -6.52 12.98
C ARG A 486 6.40 -7.54 11.89
N VAL A 487 7.16 -8.60 12.21
CA VAL A 487 7.60 -9.56 11.18
C VAL A 487 6.40 -10.23 10.51
N PHE A 488 6.37 -10.16 9.16
CA PHE A 488 5.17 -10.59 8.46
C PHE A 488 5.43 -11.64 7.39
N GLU A 489 6.54 -11.55 6.66
CA GLU A 489 6.80 -12.46 5.55
C GLU A 489 7.67 -13.62 6.02
N LYS A 490 7.50 -14.78 5.38
CA LYS A 490 8.16 -15.98 5.86
C LYS A 490 9.67 -15.85 5.63
N GLY A 491 10.44 -16.21 6.65
CA GLY A 491 11.88 -16.09 6.58
C GLY A 491 12.43 -14.85 7.27
N GLN A 492 11.61 -13.80 7.39
CA GLN A 492 12.03 -12.52 7.95
C GLN A 492 12.71 -12.65 9.31
N ALA A 493 12.13 -13.43 10.22
CA ALA A 493 12.76 -13.64 11.52
C ALA A 493 14.04 -14.46 11.40
N TYR A 494 14.13 -15.35 10.40
CA TYR A 494 15.36 -16.11 10.22
C TYR A 494 16.49 -15.20 9.76
N VAL A 495 16.26 -14.43 8.69
CA VAL A 495 17.27 -13.51 8.17
C VAL A 495 17.80 -12.61 9.28
N ALA A 496 16.91 -12.01 10.07
CA ALA A 496 17.33 -11.07 11.12
C ALA A 496 18.17 -11.77 12.17
N LEU A 497 17.61 -12.79 12.83
CA LEU A 497 18.36 -13.46 13.90
C LEU A 497 19.66 -14.06 13.40
N SER A 498 19.73 -14.44 12.13
CA SER A 498 20.92 -15.06 11.55
C SER A 498 22.00 -14.05 11.16
N ARG A 499 21.80 -12.76 11.48
CA ARG A 499 22.82 -11.76 11.20
C ARG A 499 23.94 -11.78 12.24
N ALA A 500 23.61 -12.18 13.47
CA ALA A 500 24.50 -12.05 14.62
C ALA A 500 25.58 -13.11 14.58
N VAL A 501 26.76 -12.78 15.10
CA VAL A 501 27.86 -13.72 15.09
C VAL A 501 27.90 -14.58 16.34
N SER A 502 27.44 -14.04 17.46
CA SER A 502 27.41 -14.72 18.74
C SER A 502 26.10 -14.39 19.42
N ARG A 503 25.74 -15.22 20.38
CA ARG A 503 24.61 -14.85 21.22
C ARG A 503 24.97 -13.65 22.08
N GLU A 504 26.21 -13.61 22.56
CA GLU A 504 26.70 -12.42 23.26
C GLU A 504 26.36 -11.17 22.47
N GLY A 505 26.59 -11.21 21.16
CA GLY A 505 26.42 -9.98 20.42
C GLY A 505 25.00 -9.71 20.01
N LEU A 506 24.05 -10.50 20.49
CA LEU A 506 22.70 -10.44 19.96
C LEU A 506 21.73 -10.09 21.08
N GLN A 507 20.76 -9.26 20.76
CA GLN A 507 19.60 -9.01 21.61
C GLN A 507 18.35 -9.13 20.77
N VAL A 508 17.36 -9.87 21.26
CA VAL A 508 16.15 -10.17 20.50
C VAL A 508 14.94 -9.77 21.33
N LEU A 509 14.09 -8.90 20.78
CA LEU A 509 12.83 -8.54 21.41
C LEU A 509 11.64 -9.15 20.66
N ASN A 510 10.59 -9.47 21.43
CA ASN A 510 9.29 -9.85 20.87
C ASN A 510 9.35 -11.19 20.13
N PHE A 511 10.10 -12.13 20.69
CA PHE A 511 10.15 -13.46 20.12
C PHE A 511 8.76 -14.08 20.13
N ASP A 512 8.37 -14.66 18.98
CA ASP A 512 7.02 -15.20 18.80
C ASP A 512 7.18 -16.48 17.97
N ARG A 513 7.12 -17.64 18.64
CA ARG A 513 7.26 -18.93 17.97
C ARG A 513 6.34 -19.05 16.76
N THR A 514 5.17 -18.39 16.77
CA THR A 514 4.16 -18.58 15.73
C THR A 514 4.31 -17.67 14.52
N ARG A 515 4.98 -16.52 14.65
CA ARG A 515 5.30 -15.69 13.50
C ARG A 515 6.55 -16.16 12.77
N ILE A 516 7.14 -17.27 13.20
CA ILE A 516 8.29 -17.92 12.57
C ILE A 516 7.80 -19.21 11.92
N LYS A 517 7.53 -19.15 10.62
CA LYS A 517 7.14 -20.31 9.82
C LYS A 517 7.70 -20.12 8.41
N ALA A 518 7.97 -21.25 7.75
CA ALA A 518 8.65 -21.29 6.46
C ALA A 518 7.66 -21.36 5.31
N HIS A 519 8.09 -20.88 4.14
CA HIS A 519 7.27 -20.86 2.94
C HIS A 519 7.13 -22.29 2.36
N GLN A 520 5.89 -22.71 2.09
CA GLN A 520 5.67 -24.07 1.61
C GLN A 520 6.21 -24.27 0.19
N LYS A 521 6.05 -23.25 -0.67
CA LYS A 521 6.60 -23.32 -2.03
C LYS A 521 8.05 -23.75 -2.02
N VAL A 522 8.79 -23.42 -0.97
CA VAL A 522 10.23 -23.62 -0.95
C VAL A 522 10.58 -25.02 -0.44
N ILE A 523 9.90 -25.50 0.59
CA ILE A 523 10.03 -26.89 0.98
C ILE A 523 9.72 -27.80 -0.21
N ASP A 524 8.67 -27.45 -0.98
CA ASP A 524 8.37 -28.16 -2.21
C ASP A 524 9.56 -28.14 -3.16
N PHE A 525 10.23 -27.00 -3.28
CA PHE A 525 11.39 -26.89 -4.16
C PHE A 525 12.51 -27.82 -3.67
N TYR A 526 12.84 -27.72 -2.39
CA TYR A 526 13.93 -28.50 -1.78
C TYR A 526 13.63 -29.99 -1.72
N LEU A 527 12.47 -30.45 -2.23
CA LEU A 527 12.18 -31.88 -2.40
C LEU A 527 11.46 -32.25 -3.69
N THR A 528 11.23 -31.33 -4.63
CA THR A 528 10.60 -31.77 -5.89
C THR A 528 11.53 -31.39 -7.04
N GLY B 1 -43.26 -3.01 12.47
CA GLY B 1 -44.05 -2.70 13.65
C GLY B 1 -43.34 -1.75 14.59
N LEU B 2 -43.08 -0.52 14.08
CA LEU B 2 -42.39 0.57 14.78
C LEU B 2 -42.80 0.70 16.23
N SER B 3 -41.81 0.86 17.10
CA SER B 3 -42.04 0.97 18.54
C SER B 3 -42.41 2.40 18.92
N LYS B 4 -43.17 2.53 20.02
CA LYS B 4 -43.57 3.85 20.53
C LYS B 4 -42.38 4.81 20.66
N GLU B 5 -41.30 4.35 21.28
CA GLU B 5 -40.07 5.13 21.37
C GLU B 5 -39.67 5.66 20.00
N GLN B 6 -39.63 4.77 19.00
CA GLN B 6 -39.23 5.17 17.66
C GLN B 6 -40.29 6.01 16.98
N GLU B 7 -41.55 5.74 17.30
CA GLU B 7 -42.63 6.51 16.70
C GLU B 7 -42.58 7.96 17.18
N SER B 8 -42.18 8.19 18.46
CA SER B 8 -42.18 9.56 18.94
C SER B 8 -40.91 10.34 18.57
N ILE B 9 -39.77 9.68 18.36
CA ILE B 9 -38.62 10.41 17.81
C ILE B 9 -39.01 11.03 16.47
N ILE B 10 -39.90 10.38 15.71
CA ILE B 10 -40.29 10.91 14.40
C ILE B 10 -41.14 12.14 14.60
N LYS B 11 -42.17 12.03 15.44
CA LYS B 11 -42.97 13.20 15.81
C LYS B 11 -42.06 14.34 16.22
N LEU B 12 -41.10 14.03 17.08
CA LEU B 12 -40.17 15.02 17.60
C LEU B 12 -39.33 15.67 16.50
N ALA B 13 -39.00 14.96 15.44
CA ALA B 13 -38.27 15.58 14.34
C ALA B 13 -39.17 16.39 13.43
N GLU B 14 -40.49 16.20 13.53
CA GLU B 14 -41.38 16.94 12.67
C GLU B 14 -41.37 18.41 13.00
N ASN B 15 -41.06 18.74 14.27
CA ASN B 15 -41.15 20.09 14.84
C ASN B 15 -40.22 21.08 14.17
N GLY B 16 -39.05 20.61 13.72
CA GLY B 16 -38.22 21.36 12.80
C GLY B 16 -36.87 21.76 13.32
N HIS B 17 -36.46 21.28 14.47
CA HIS B 17 -35.18 21.64 15.06
C HIS B 17 -34.18 20.51 14.90
N ASN B 18 -32.90 20.87 14.79
CA ASN B 18 -31.86 19.86 14.66
C ASN B 18 -31.93 18.92 15.87
N ILE B 19 -31.95 17.60 15.59
CA ILE B 19 -31.94 16.60 16.64
C ILE B 19 -30.82 15.61 16.33
N PHE B 20 -30.29 15.01 17.37
CA PHE B 20 -29.30 13.96 17.24
C PHE B 20 -29.79 12.86 18.14
N TYR B 21 -29.90 11.65 17.62
CA TYR B 21 -30.29 10.56 18.49
C TYR B 21 -29.28 9.44 18.36
N THR B 22 -29.30 8.56 19.35
CA THR B 22 -28.23 7.62 19.52
C THR B 22 -28.80 6.44 20.31
N GLY B 23 -27.93 5.52 20.69
CA GLY B 23 -28.35 4.27 21.29
C GLY B 23 -27.39 3.18 20.87
N SER B 24 -27.48 2.04 21.56
CA SER B 24 -26.57 0.93 21.26
C SER B 24 -26.74 0.44 19.83
N ALA B 25 -25.77 -0.37 19.40
CA ALA B 25 -25.90 -1.11 18.15
C ALA B 25 -27.17 -1.93 18.17
N GLY B 26 -28.04 -1.70 17.19
CA GLY B 26 -29.23 -2.52 17.00
C GLY B 26 -30.44 -2.10 17.79
N THR B 27 -30.61 -0.79 17.94
CA THR B 27 -31.64 -0.23 18.80
C THR B 27 -32.74 0.41 17.99
N GLY B 28 -32.77 0.11 16.69
CA GLY B 28 -33.77 0.66 15.81
C GLY B 28 -33.44 2.00 15.21
N LYS B 29 -32.20 2.50 15.39
CA LYS B 29 -31.89 3.87 14.96
C LYS B 29 -32.08 4.02 13.45
N SER B 30 -31.35 3.20 12.68
CA SER B 30 -31.38 3.31 11.22
C SER B 30 -32.77 2.97 10.66
N ILE B 31 -33.51 2.05 11.29
CA ILE B 31 -34.85 1.68 10.82
C ILE B 31 -35.77 2.89 10.82
N LEU B 32 -35.83 3.61 11.96
CA LEU B 32 -36.80 4.70 12.08
C LEU B 32 -36.36 5.87 11.25
N LEU B 33 -35.05 6.02 11.03
CA LEU B 33 -34.58 7.00 10.07
C LEU B 33 -35.24 6.81 8.71
N ARG B 34 -35.42 5.57 8.27
CA ARG B 34 -36.03 5.35 6.96
C ARG B 34 -37.45 5.88 6.93
N GLU B 35 -38.21 5.68 8.02
CA GLU B 35 -39.60 6.10 8.04
C GLU B 35 -39.72 7.58 8.35
N MET B 36 -38.83 8.08 9.22
CA MET B 36 -38.81 9.52 9.46
C MET B 36 -38.59 10.27 8.16
N ILE B 37 -37.84 9.67 7.22
CA ILE B 37 -37.53 10.37 5.98
C ILE B 37 -38.78 10.49 5.10
N LYS B 38 -39.66 9.49 5.14
CA LYS B 38 -40.88 9.62 4.34
C LYS B 38 -41.69 10.81 4.81
N VAL B 39 -41.62 11.11 6.11
CA VAL B 39 -42.38 12.23 6.67
C VAL B 39 -41.66 13.55 6.45
N LEU B 40 -40.33 13.56 6.64
CA LEU B 40 -39.52 14.71 6.29
C LEU B 40 -39.69 15.10 4.82
N LYS B 41 -39.92 14.13 3.95
CA LYS B 41 -40.22 14.50 2.57
C LYS B 41 -41.59 15.16 2.48
N GLY B 42 -42.57 14.64 3.24
CA GLY B 42 -43.92 15.17 3.24
C GLY B 42 -43.99 16.60 3.72
N ILE B 43 -42.94 17.07 4.37
CA ILE B 43 -42.85 18.41 4.93
C ILE B 43 -42.17 19.38 3.98
N TYR B 44 -40.99 19.00 3.45
CA TYR B 44 -40.15 19.93 2.72
C TYR B 44 -40.22 19.80 1.21
N GLY B 45 -40.72 18.68 0.71
CA GLY B 45 -40.74 18.41 -0.72
C GLY B 45 -40.12 17.07 -1.01
N ARG B 46 -40.41 16.47 -2.18
CA ARG B 46 -39.92 15.12 -2.46
C ARG B 46 -38.40 15.08 -2.50
N GLU B 47 -37.79 16.02 -3.20
CA GLU B 47 -36.33 16.08 -3.36
C GLU B 47 -35.72 17.18 -2.48
N ASN B 48 -36.23 17.39 -1.28
CA ASN B 48 -35.72 18.45 -0.43
C ASN B 48 -35.13 17.97 0.89
N VAL B 49 -35.11 16.67 1.18
CA VAL B 49 -34.41 16.13 2.34
C VAL B 49 -33.20 15.37 1.82
N ALA B 50 -32.03 15.71 2.35
CA ALA B 50 -30.77 15.10 1.92
C ALA B 50 -30.55 13.83 2.73
N VAL B 51 -30.69 12.66 2.10
CA VAL B 51 -30.55 11.38 2.81
C VAL B 51 -29.12 10.88 2.63
N THR B 52 -28.32 10.99 3.70
CA THR B 52 -26.89 10.72 3.62
C THR B 52 -26.45 9.88 4.82
N ALA B 53 -25.27 9.27 4.67
CA ALA B 53 -24.58 8.64 5.79
C ALA B 53 -23.10 8.62 5.49
N SER B 54 -22.31 8.11 6.45
CA SER B 54 -20.85 8.27 6.39
C SER B 54 -20.15 7.25 5.49
N THR B 55 -20.75 6.07 5.27
CA THR B 55 -20.23 5.07 4.34
C THR B 55 -21.30 4.80 3.29
N GLY B 56 -20.87 4.61 2.05
CA GLY B 56 -21.82 4.31 0.98
C GLY B 56 -22.72 3.13 1.27
N LEU B 57 -22.22 2.12 2.01
CA LEU B 57 -23.05 0.97 2.34
C LEU B 57 -24.07 1.33 3.43
N ALA B 58 -23.64 2.07 4.45
CA ALA B 58 -24.54 2.60 5.48
C ALA B 58 -25.55 3.59 4.91
N ALA B 59 -25.22 4.21 3.76
CA ALA B 59 -26.13 5.11 3.07
C ALA B 59 -27.21 4.34 2.32
N CYS B 60 -26.81 3.34 1.52
CA CYS B 60 -27.80 2.51 0.85
C CYS B 60 -28.73 1.90 1.88
N ASN B 61 -28.25 1.69 3.12
CA ASN B 61 -29.07 1.02 4.13
C ASN B 61 -30.28 1.85 4.54
N ILE B 62 -30.19 3.19 4.50
CA ILE B 62 -31.32 4.05 4.81
C ILE B 62 -31.83 4.80 3.59
N GLY B 63 -31.36 4.42 2.40
CA GLY B 63 -32.01 4.89 1.20
C GLY B 63 -31.45 6.20 0.70
N GLY B 64 -30.13 6.28 0.65
CA GLY B 64 -29.47 7.49 0.22
C GLY B 64 -28.00 7.24 -0.03
N ILE B 65 -27.24 8.33 -0.12
CA ILE B 65 -25.83 8.30 -0.52
C ILE B 65 -24.91 8.92 0.53
N THR B 66 -23.61 8.84 0.31
CA THR B 66 -22.64 9.40 1.23
C THR B 66 -22.78 10.91 1.29
N ILE B 67 -22.26 11.51 2.36
CA ILE B 67 -22.37 12.96 2.46
C ILE B 67 -21.51 13.60 1.39
N HIS B 68 -20.29 13.06 1.21
CA HIS B 68 -19.38 13.63 0.23
C HIS B 68 -20.00 13.62 -1.15
N SER B 69 -20.68 12.52 -1.49
CA SER B 69 -21.36 12.41 -2.78
C SER B 69 -22.46 13.45 -2.92
N PHE B 70 -23.14 13.75 -1.79
CA PHE B 70 -24.21 14.74 -1.75
C PHE B 70 -23.67 16.17 -1.73
N ALA B 71 -22.67 16.44 -0.88
CA ALA B 71 -22.03 17.75 -0.89
C ALA B 71 -21.39 18.07 -2.23
N GLY B 72 -20.92 17.06 -2.95
CA GLY B 72 -20.17 17.29 -4.16
C GLY B 72 -18.76 17.73 -3.93
N ILE B 73 -18.17 17.35 -2.80
CA ILE B 73 -16.91 17.91 -2.35
C ILE B 73 -15.73 17.02 -2.69
N GLY B 74 -15.95 15.93 -3.42
CA GLY B 74 -14.88 14.97 -3.58
C GLY B 74 -14.53 14.32 -2.27
N LEU B 75 -13.23 14.14 -2.03
CA LEU B 75 -12.77 13.47 -0.82
C LEU B 75 -12.83 14.33 0.43
N GLY B 76 -13.30 15.58 0.32
CA GLY B 76 -13.29 16.48 1.46
C GLY B 76 -11.91 16.77 1.99
N LYS B 77 -10.86 16.52 1.20
CA LYS B 77 -9.52 16.85 1.64
C LYS B 77 -9.20 18.32 1.42
N GLY B 78 -10.08 19.05 0.74
CA GLY B 78 -9.79 20.42 0.39
C GLY B 78 -9.91 21.43 1.53
N ASP B 79 -9.54 22.67 1.19
CA ASP B 79 -9.68 23.82 2.08
C ASP B 79 -11.14 24.27 2.12
N ALA B 80 -11.63 24.50 3.34
CA ALA B 80 -12.98 24.99 3.58
C ALA B 80 -13.36 26.11 2.61
N ASP B 81 -12.54 27.16 2.57
CA ASP B 81 -12.85 28.34 1.77
C ASP B 81 -12.91 28.01 0.29
N LYS B 82 -12.33 26.88 -0.09
CA LYS B 82 -12.13 26.51 -1.47
C LYS B 82 -12.83 25.22 -1.86
N LEU B 83 -13.18 24.37 -0.88
CA LEU B 83 -14.26 23.41 -1.08
C LEU B 83 -15.56 24.12 -1.41
N TYR B 84 -15.83 25.24 -0.72
CA TYR B 84 -16.98 26.06 -1.06
C TYR B 84 -16.95 26.48 -2.52
N LYS B 85 -15.76 26.84 -3.03
CA LYS B 85 -15.60 27.13 -4.44
C LYS B 85 -15.76 25.90 -5.32
N LYS B 86 -15.59 24.68 -4.78
CA LYS B 86 -15.89 23.48 -5.56
C LYS B 86 -17.40 23.27 -5.69
N VAL B 87 -18.14 23.49 -4.61
CA VAL B 87 -19.58 23.33 -4.65
C VAL B 87 -20.23 24.45 -5.46
N ARG B 88 -19.80 25.70 -5.24
CA ARG B 88 -20.45 26.83 -5.88
C ARG B 88 -20.32 26.80 -7.40
N ARG B 89 -19.20 26.27 -7.91
CA ARG B 89 -18.92 26.23 -9.35
C ARG B 89 -19.43 24.94 -10.02
N SER B 90 -20.46 24.32 -9.44
CA SER B 90 -21.15 23.17 -10.02
C SER B 90 -22.65 23.33 -9.80
N ARG B 91 -23.41 23.47 -10.90
CA ARG B 91 -24.86 23.70 -10.81
C ARG B 91 -25.54 22.59 -10.02
N LYS B 92 -25.14 21.34 -10.24
CA LYS B 92 -25.77 20.20 -9.58
C LYS B 92 -25.83 20.41 -8.06
N HIS B 93 -24.68 20.67 -7.45
CA HIS B 93 -24.57 20.73 -5.99
C HIS B 93 -24.97 22.08 -5.40
N LEU B 94 -24.99 23.14 -6.21
CA LEU B 94 -25.45 24.41 -5.68
C LEU B 94 -26.94 24.38 -5.42
N ARG B 95 -27.75 23.93 -6.38
CA ARG B 95 -29.19 23.95 -6.19
C ARG B 95 -29.60 23.05 -5.03
N ARG B 96 -28.92 21.91 -4.86
CA ARG B 96 -29.13 21.09 -3.68
C ARG B 96 -28.97 21.90 -2.41
N TRP B 97 -27.79 22.48 -2.23
CA TRP B 97 -27.44 23.15 -0.98
C TRP B 97 -28.42 24.26 -0.62
N GLU B 98 -29.02 24.91 -1.61
CA GLU B 98 -29.96 25.99 -1.35
C GLU B 98 -31.39 25.50 -1.19
N ASN B 99 -31.73 24.33 -1.73
CA ASN B 99 -33.11 23.86 -1.70
C ASN B 99 -33.45 22.93 -0.54
N ILE B 100 -32.49 22.20 0.02
CA ILE B 100 -32.84 21.13 0.95
C ILE B 100 -33.34 21.71 2.26
N GLY B 101 -34.31 21.00 2.88
CA GLY B 101 -34.83 21.43 4.16
C GLY B 101 -34.34 20.63 5.35
N ALA B 102 -34.00 19.36 5.13
CA ALA B 102 -33.44 18.53 6.18
C ALA B 102 -32.15 17.89 5.68
N LEU B 103 -31.26 17.57 6.59
CA LEU B 103 -30.08 16.79 6.28
C LEU B 103 -30.04 15.63 7.25
N VAL B 104 -30.16 14.41 6.74
CA VAL B 104 -30.09 13.23 7.58
C VAL B 104 -28.69 12.66 7.38
N VAL B 105 -27.99 12.35 8.48
CA VAL B 105 -26.69 11.67 8.41
C VAL B 105 -26.72 10.50 9.38
N ASP B 106 -26.60 9.27 8.84
CA ASP B 106 -26.57 8.08 9.69
C ASP B 106 -25.14 7.56 9.83
N GLU B 107 -24.95 6.74 10.86
CA GLU B 107 -23.62 6.35 11.34
C GLU B 107 -22.71 7.57 11.47
N ILE B 108 -23.11 8.46 12.38
CA ILE B 108 -22.39 9.74 12.53
C ILE B 108 -20.99 9.52 13.08
N SER B 109 -20.73 8.37 13.71
CA SER B 109 -19.53 8.18 14.51
C SER B 109 -18.27 8.23 13.67
N MET B 110 -18.38 7.92 12.40
CA MET B 110 -17.24 7.97 11.51
C MET B 110 -17.10 9.31 10.82
N LEU B 111 -17.98 10.26 11.08
CA LEU B 111 -17.76 11.63 10.65
C LEU B 111 -16.78 12.34 11.58
N ASP B 112 -15.85 13.07 10.98
CA ASP B 112 -14.86 13.81 11.76
C ASP B 112 -15.24 15.29 11.80
N ALA B 113 -14.89 15.92 12.93
CA ALA B 113 -15.22 17.32 13.17
C ALA B 113 -14.83 18.19 12.00
N GLU B 114 -13.56 18.09 11.57
CA GLU B 114 -13.02 19.06 10.62
C GLU B 114 -13.89 19.16 9.39
N LEU B 115 -14.40 18.02 8.90
CA LEU B 115 -15.28 18.01 7.74
C LEU B 115 -16.67 18.53 8.09
N LEU B 116 -17.19 18.14 9.25
CA LEU B 116 -18.51 18.61 9.66
C LEU B 116 -18.60 20.13 9.61
N ASP B 117 -17.51 20.80 10.00
CA ASP B 117 -17.49 22.25 10.02
C ASP B 117 -17.42 22.83 8.62
N LYS B 118 -16.63 22.22 7.74
CA LYS B 118 -16.57 22.72 6.36
C LYS B 118 -17.96 22.71 5.72
N LEU B 119 -18.76 21.69 6.03
CA LEU B 119 -20.12 21.65 5.53
C LEU B 119 -20.95 22.77 6.14
N ASP B 120 -20.82 22.94 7.45
CA ASP B 120 -21.45 24.07 8.12
C ASP B 120 -21.12 25.37 7.37
N PHE B 121 -19.83 25.57 7.05
CA PHE B 121 -19.43 26.77 6.31
C PHE B 121 -20.05 26.80 4.92
N ILE B 122 -19.79 25.77 4.11
CA ILE B 122 -20.37 25.64 2.78
C ILE B 122 -21.86 25.96 2.85
N ALA B 123 -22.57 25.34 3.81
CA ALA B 123 -24.02 25.51 3.88
C ALA B 123 -24.42 26.93 4.26
N ARG B 124 -23.60 27.61 5.07
CA ARG B 124 -23.91 28.98 5.41
C ARG B 124 -23.65 29.90 4.24
N LYS B 125 -22.40 29.95 3.76
CA LYS B 125 -22.05 30.90 2.72
C LYS B 125 -22.70 30.57 1.37
N ILE B 126 -23.47 29.48 1.28
CA ILE B 126 -24.33 29.21 0.12
C ILE B 126 -25.76 29.64 0.38
N ARG B 127 -26.35 29.19 1.50
CA ARG B 127 -27.73 29.54 1.86
C ARG B 127 -27.84 30.96 2.40
N LYS B 128 -26.74 31.72 2.36
CA LYS B 128 -26.69 33.11 2.80
C LYS B 128 -27.39 33.26 4.15
N ASN B 129 -26.83 32.57 5.13
CA ASN B 129 -27.49 32.40 6.42
C ASN B 129 -26.43 32.19 7.47
N HIS B 130 -26.64 32.76 8.65
CA HIS B 130 -25.69 32.64 9.76
C HIS B 130 -26.10 31.57 10.75
N GLN B 131 -27.29 30.99 10.58
CA GLN B 131 -27.84 29.86 11.32
C GLN B 131 -26.85 28.71 11.34
N PRO B 132 -26.94 27.80 12.31
CA PRO B 132 -25.96 26.71 12.40
C PRO B 132 -25.74 25.92 11.12
N PHE B 133 -26.71 25.83 10.20
CA PHE B 133 -26.34 25.22 8.93
C PHE B 133 -26.93 25.99 7.77
N GLY B 134 -27.07 27.29 7.91
CA GLY B 134 -28.00 27.97 7.05
C GLY B 134 -29.42 27.51 7.28
N GLY B 135 -29.68 26.99 8.48
CA GLY B 135 -31.04 26.66 8.85
C GLY B 135 -31.53 25.32 8.39
N ILE B 136 -30.66 24.49 7.80
CA ILE B 136 -31.07 23.15 7.42
C ILE B 136 -31.33 22.35 8.69
N GLN B 137 -32.51 21.75 8.78
CA GLN B 137 -32.74 20.87 9.91
C GLN B 137 -31.75 19.74 9.84
N LEU B 138 -31.06 19.49 10.94
CA LEU B 138 -30.15 18.35 11.00
C LEU B 138 -30.79 17.23 11.80
N ILE B 139 -30.72 16.02 11.26
CA ILE B 139 -30.94 14.81 12.03
C ILE B 139 -29.64 14.04 11.97
N PHE B 140 -28.89 14.06 13.05
CA PHE B 140 -27.70 13.24 13.17
C PHE B 140 -28.07 11.94 13.89
N CYS B 141 -27.50 10.83 13.41
CA CYS B 141 -27.86 9.52 13.93
C CYS B 141 -26.60 8.67 13.98
N GLY B 142 -26.43 7.86 15.02
CA GLY B 142 -25.21 7.06 15.15
C GLY B 142 -24.91 6.66 16.59
N ASP B 143 -23.74 6.04 16.77
CA ASP B 143 -23.24 5.62 18.09
C ASP B 143 -21.75 5.82 18.14
N PHE B 144 -21.30 6.79 18.94
CA PHE B 144 -19.89 7.13 18.99
C PHE B 144 -19.03 6.05 19.65
N PHE B 145 -19.66 5.05 20.31
CA PHE B 145 -18.91 3.93 20.90
C PHE B 145 -18.59 2.86 19.86
N GLN B 146 -19.19 3.00 18.69
CA GLN B 146 -18.82 2.32 17.47
C GLN B 146 -17.73 3.13 16.78
N LEU B 147 -17.46 2.81 15.53
CA LEU B 147 -16.19 3.19 14.90
C LEU B 147 -16.03 4.71 14.84
N PRO B 148 -14.82 5.22 15.06
CA PRO B 148 -14.54 6.64 14.89
C PRO B 148 -14.24 6.96 13.44
N PRO B 149 -14.05 8.24 13.09
CA PRO B 149 -13.57 8.57 11.75
C PRO B 149 -12.18 8.04 11.48
N VAL B 150 -11.85 7.94 10.20
CA VAL B 150 -10.56 7.43 9.78
C VAL B 150 -9.56 8.58 9.80
N SER B 151 -8.68 8.58 10.80
CA SER B 151 -7.49 9.41 10.71
C SER B 151 -6.45 8.59 9.99
N LYS B 152 -6.03 9.05 8.82
CA LYS B 152 -4.96 8.38 8.09
C LYS B 152 -3.60 8.71 8.67
N ASP B 153 -3.57 9.35 9.85
CA ASP B 153 -2.37 10.00 10.34
C ASP B 153 -2.46 10.39 11.82
N PRO B 154 -1.39 10.17 12.61
CA PRO B 154 -1.24 10.89 13.89
C PRO B 154 -0.49 12.22 13.72
N ASN B 155 -0.33 12.98 14.81
CA ASN B 155 0.15 14.36 14.92
C ASN B 155 -0.91 15.39 14.48
N ARG B 156 -2.06 14.95 13.95
CA ARG B 156 -3.30 15.68 13.82
C ARG B 156 -4.42 14.65 13.69
N PRO B 157 -4.62 13.81 14.70
CA PRO B 157 -5.62 12.75 14.57
C PRO B 157 -7.01 13.32 14.70
N THR B 158 -7.94 12.76 13.93
CA THR B 158 -9.22 13.42 13.73
C THR B 158 -9.99 13.52 15.03
N LYS B 159 -10.73 14.62 15.17
CA LYS B 159 -11.66 14.81 16.26
C LYS B 159 -13.04 14.35 15.80
N PHE B 160 -13.87 13.91 16.75
CA PHE B 160 -15.20 13.35 16.50
C PHE B 160 -16.19 14.40 15.96
N ALA B 161 -17.35 13.90 15.52
CA ALA B 161 -18.41 14.79 15.09
C ALA B 161 -18.85 15.73 16.20
N PHE B 162 -18.95 15.23 17.44
CA PHE B 162 -19.40 16.04 18.56
C PHE B 162 -18.35 17.05 19.03
N GLU B 163 -17.11 16.94 18.58
CA GLU B 163 -16.08 17.89 18.93
C GLU B 163 -16.04 19.08 17.99
N SER B 164 -16.94 19.16 17.03
CA SER B 164 -16.89 20.24 16.06
C SER B 164 -17.62 21.48 16.57
N LYS B 165 -17.31 22.61 15.96
CA LYS B 165 -18.03 23.85 16.25
C LYS B 165 -19.53 23.65 15.97
N ALA B 166 -19.86 23.30 14.73
CA ALA B 166 -21.25 23.12 14.31
C ALA B 166 -22.03 22.17 15.22
N TRP B 167 -21.36 21.19 15.84
CA TRP B 167 -22.09 20.28 16.71
C TRP B 167 -22.59 21.01 17.94
N LYS B 168 -21.69 21.81 18.55
CA LYS B 168 -22.01 22.53 19.79
C LYS B 168 -22.94 23.71 19.53
N GLU B 169 -22.77 24.38 18.38
CA GLU B 169 -23.70 25.41 17.93
C GLU B 169 -25.03 24.86 17.42
N GLY B 170 -25.13 23.61 17.03
CA GLY B 170 -26.37 23.22 16.40
C GLY B 170 -27.16 22.06 16.97
N VAL B 171 -26.57 21.29 17.89
CA VAL B 171 -27.28 20.10 18.41
C VAL B 171 -27.73 20.39 19.83
N LYS B 172 -28.98 20.86 20.00
CA LYS B 172 -29.45 21.25 21.32
C LYS B 172 -30.41 20.23 21.90
N MET B 173 -30.44 19.02 21.37
CA MET B 173 -31.28 17.98 21.92
C MET B 173 -30.76 16.64 21.44
N THR B 174 -30.50 15.73 22.36
CA THR B 174 -30.12 14.39 21.96
C THR B 174 -31.14 13.45 22.59
N ILE B 175 -31.76 12.56 21.78
CA ILE B 175 -32.64 11.51 22.28
C ILE B 175 -31.83 10.24 22.35
N MET B 176 -32.19 9.34 23.25
CA MET B 176 -31.31 8.23 23.65
C MET B 176 -32.15 6.95 23.70
N LEU B 177 -32.14 6.19 22.60
CA LEU B 177 -32.90 4.95 22.51
C LEU B 177 -32.25 3.82 23.30
N GLN B 178 -33.07 3.06 24.02
CA GLN B 178 -32.51 2.14 24.99
C GLN B 178 -32.95 0.69 24.86
N LYS B 179 -34.05 0.36 24.18
CA LYS B 179 -34.30 -1.06 23.88
C LYS B 179 -33.49 -1.51 22.67
N VAL B 180 -32.76 -2.63 22.82
CA VAL B 180 -32.02 -3.22 21.70
C VAL B 180 -32.90 -4.24 21.00
N PHE B 181 -32.99 -4.14 19.67
CA PHE B 181 -33.84 -5.04 18.91
C PHE B 181 -33.08 -6.19 18.25
N ARG B 182 -31.90 -5.90 17.69
CA ARG B 182 -31.22 -6.83 16.80
C ARG B 182 -30.99 -8.18 17.49
N GLN B 183 -30.50 -8.17 18.73
CA GLN B 183 -30.31 -9.38 19.49
C GLN B 183 -31.46 -9.68 20.46
N ARG B 184 -32.70 -9.30 20.10
CA ARG B 184 -33.80 -9.25 21.07
C ARG B 184 -34.13 -10.62 21.65
N GLY B 185 -33.49 -11.67 21.17
CA GLY B 185 -33.64 -12.94 21.84
C GLY B 185 -32.64 -13.20 22.96
N ASP B 186 -31.36 -13.07 22.62
CA ASP B 186 -30.24 -13.58 23.41
C ASP B 186 -29.87 -12.58 24.49
N VAL B 187 -30.50 -12.71 25.65
CA VAL B 187 -30.36 -11.70 26.70
C VAL B 187 -28.91 -11.60 27.17
N LYS B 188 -28.24 -12.73 27.36
CA LYS B 188 -26.85 -12.68 27.79
C LYS B 188 -25.97 -12.07 26.71
N PHE B 189 -26.26 -12.42 25.45
CA PHE B 189 -25.50 -11.86 24.33
C PHE B 189 -25.53 -10.34 24.37
N ILE B 190 -26.72 -9.76 24.57
CA ILE B 190 -26.78 -8.31 24.67
C ILE B 190 -25.89 -7.85 25.80
N ASP B 191 -26.00 -8.50 26.97
CA ASP B 191 -25.28 -8.06 28.15
C ASP B 191 -23.77 -8.03 27.91
N MET B 192 -23.25 -9.02 27.16
CA MET B 192 -21.82 -9.00 26.85
C MET B 192 -21.48 -8.02 25.74
N LEU B 193 -22.41 -7.73 24.84
CA LEU B 193 -22.18 -6.67 23.87
C LEU B 193 -22.16 -5.30 24.55
N ASN B 194 -22.97 -5.10 25.58
CA ASN B 194 -22.90 -3.89 26.41
C ASN B 194 -21.50 -3.71 26.95
N ARG B 195 -21.02 -4.71 27.69
CA ARG B 195 -19.71 -4.57 28.30
C ARG B 195 -18.61 -4.64 27.27
N MET B 196 -18.95 -4.82 26.01
CA MET B 196 -18.00 -4.56 24.94
C MET B 196 -18.04 -3.12 24.46
N ARG B 197 -19.24 -2.52 24.39
CA ARG B 197 -19.34 -1.14 23.94
C ARG B 197 -18.45 -0.24 24.79
N LEU B 198 -18.19 -0.64 26.05
CA LEU B 198 -17.48 0.17 27.02
C LEU B 198 -16.14 -0.41 27.44
N GLY B 199 -15.80 -1.64 27.05
CA GLY B 199 -14.49 -2.18 27.35
C GLY B 199 -14.40 -3.02 28.61
N ASN B 200 -15.53 -3.29 29.26
CA ASN B 200 -15.59 -4.04 30.52
C ASN B 200 -15.82 -5.54 30.28
N ILE B 201 -14.96 -6.13 29.47
CA ILE B 201 -14.98 -7.58 29.30
C ILE B 201 -14.38 -8.21 30.55
N ASP B 202 -15.17 -9.03 31.23
CA ASP B 202 -14.73 -9.68 32.45
C ASP B 202 -14.28 -11.10 32.16
N ASP B 203 -13.81 -11.78 33.21
CA ASP B 203 -13.44 -13.19 33.09
C ASP B 203 -14.59 -14.02 32.55
N GLU B 204 -15.81 -13.71 33.00
CA GLU B 204 -17.01 -14.41 32.55
C GLU B 204 -17.18 -14.29 31.03
N THR B 205 -17.20 -13.05 30.53
CA THR B 205 -17.54 -12.78 29.13
C THR B 205 -16.47 -13.32 28.17
N GLU B 206 -15.19 -13.23 28.54
CA GLU B 206 -14.13 -13.68 27.63
C GLU B 206 -14.30 -15.15 27.28
N ARG B 207 -14.56 -15.98 28.28
CA ARG B 207 -14.68 -17.42 28.02
C ARG B 207 -15.85 -17.71 27.09
N GLU B 208 -16.98 -17.03 27.31
CA GLU B 208 -18.15 -17.25 26.46
C GLU B 208 -17.86 -16.89 25.01
N PHE B 209 -17.00 -15.92 24.77
CA PHE B 209 -16.69 -15.56 23.40
C PHE B 209 -15.69 -16.51 22.76
N LYS B 210 -14.65 -16.91 23.49
CA LYS B 210 -13.77 -17.92 22.92
C LYS B 210 -14.48 -19.26 22.73
N LYS B 211 -15.62 -19.48 23.41
CA LYS B 211 -16.50 -20.61 23.10
C LYS B 211 -17.02 -20.54 21.68
N LEU B 212 -17.25 -19.33 21.17
CA LEU B 212 -17.75 -19.09 19.82
C LEU B 212 -16.63 -19.12 18.77
N SER B 213 -15.43 -19.55 19.14
CA SER B 213 -14.41 -19.83 18.14
C SER B 213 -14.69 -21.11 17.38
N ARG B 214 -15.75 -21.84 17.77
CA ARG B 214 -16.20 -23.06 17.12
C ARG B 214 -16.75 -22.72 15.74
N PRO B 215 -16.97 -23.73 14.89
CA PRO B 215 -17.37 -23.43 13.51
C PRO B 215 -18.88 -23.28 13.39
N LEU B 216 -19.27 -22.45 12.43
CA LEU B 216 -20.69 -22.25 12.15
C LEU B 216 -21.31 -23.53 11.59
N PRO B 217 -22.64 -23.65 11.68
CA PRO B 217 -23.29 -24.80 11.04
C PRO B 217 -23.10 -24.81 9.53
N ASP B 218 -23.14 -26.01 8.94
CA ASP B 218 -23.01 -26.19 7.49
C ASP B 218 -24.39 -26.22 6.85
N ASP B 219 -24.70 -25.18 6.06
CA ASP B 219 -26.02 -25.00 5.48
C ASP B 219 -25.90 -24.64 4.00
N GLU B 220 -27.07 -24.40 3.39
CA GLU B 220 -27.19 -23.72 2.11
C GLU B 220 -27.09 -22.22 2.26
N ILE B 221 -26.63 -21.77 3.42
CA ILE B 221 -26.47 -20.37 3.79
C ILE B 221 -24.98 -20.04 3.79
N ILE B 222 -24.55 -19.22 2.85
CA ILE B 222 -23.19 -18.68 2.89
C ILE B 222 -23.11 -17.76 4.10
N PRO B 223 -22.24 -18.02 5.08
CA PRO B 223 -22.04 -17.04 6.14
C PRO B 223 -21.49 -15.76 5.55
N ALA B 224 -21.84 -14.62 6.16
CA ALA B 224 -21.11 -13.37 5.91
C ALA B 224 -19.85 -13.39 6.75
N GLU B 225 -18.75 -12.90 6.18
CA GLU B 225 -17.45 -12.99 6.83
C GLU B 225 -16.94 -11.56 7.01
N LEU B 226 -16.65 -11.19 8.26
CA LEU B 226 -16.23 -9.86 8.68
C LEU B 226 -14.76 -9.86 9.08
N TYR B 227 -13.98 -9.02 8.41
CA TYR B 227 -12.54 -8.93 8.62
C TYR B 227 -12.13 -7.48 8.81
N SER B 228 -10.98 -7.30 9.46
CA SER B 228 -10.52 -5.97 9.87
C SER B 228 -10.01 -5.12 8.70
N THR B 229 -9.31 -5.74 7.74
CA THR B 229 -8.57 -5.03 6.69
C THR B 229 -8.97 -5.54 5.29
N ARG B 230 -8.38 -4.94 4.24
CA ARG B 230 -8.74 -5.30 2.88
C ARG B 230 -8.07 -6.59 2.44
N MET B 231 -6.83 -6.85 2.89
CA MET B 231 -6.19 -8.12 2.59
C MET B 231 -7.11 -9.27 2.93
N GLU B 232 -7.72 -9.21 4.11
CA GLU B 232 -8.48 -10.34 4.63
C GLU B 232 -9.80 -10.52 3.92
N VAL B 233 -10.47 -9.43 3.53
CA VAL B 233 -11.75 -9.60 2.84
C VAL B 233 -11.55 -10.11 1.42
N GLU B 234 -10.61 -9.49 0.68
CA GLU B 234 -10.22 -10.07 -0.60
C GLU B 234 -9.91 -11.54 -0.46
N ARG B 235 -9.18 -11.93 0.59
CA ARG B 235 -8.87 -13.33 0.79
C ARG B 235 -10.14 -14.18 0.82
N ALA B 236 -11.06 -13.89 1.74
CA ALA B 236 -12.18 -14.80 1.90
C ALA B 236 -13.35 -14.54 0.95
N ASN B 237 -13.30 -13.50 0.12
CA ASN B 237 -14.26 -13.34 -0.97
C ASN B 237 -13.92 -14.24 -2.15
N ASN B 238 -12.66 -14.65 -2.17
CA ASN B 238 -11.96 -15.48 -3.12
C ASN B 238 -11.97 -16.95 -2.73
N SER B 239 -11.68 -17.25 -1.47
CA SER B 239 -11.99 -18.57 -0.93
C SER B 239 -13.46 -18.89 -1.09
N ARG B 240 -14.33 -17.88 -1.13
CA ARG B 240 -15.76 -18.12 -1.34
C ARG B 240 -16.16 -18.17 -2.81
N LEU B 241 -15.49 -17.43 -3.68
CA LEU B 241 -15.78 -17.59 -5.10
C LEU B 241 -15.27 -18.93 -5.63
N SER B 242 -14.13 -19.41 -5.10
CA SER B 242 -13.57 -20.66 -5.58
C SER B 242 -14.43 -21.84 -5.17
N LYS B 243 -14.99 -21.80 -3.98
CA LYS B 243 -15.90 -22.85 -3.50
C LYS B 243 -17.21 -22.91 -4.29
N LEU B 244 -17.41 -22.01 -5.25
CA LEU B 244 -18.69 -21.84 -5.93
C LEU B 244 -18.63 -22.52 -7.27
N PRO B 245 -19.50 -23.49 -7.54
CA PRO B 245 -19.44 -24.21 -8.82
C PRO B 245 -20.01 -23.36 -9.93
N GLY B 246 -19.50 -23.56 -11.13
CA GLY B 246 -19.92 -22.70 -12.21
C GLY B 246 -18.73 -22.08 -12.88
N GLN B 247 -18.86 -21.82 -14.17
CA GLN B 247 -17.76 -21.30 -14.95
C GLN B 247 -17.49 -19.86 -14.58
N VAL B 248 -16.20 -19.52 -14.42
CA VAL B 248 -15.79 -18.21 -13.94
C VAL B 248 -15.58 -17.29 -15.14
N HIS B 249 -15.98 -16.03 -14.98
CA HIS B 249 -15.87 -14.99 -16.01
C HIS B 249 -14.91 -13.94 -15.49
N ILE B 250 -13.81 -13.72 -16.22
CA ILE B 250 -12.78 -12.76 -15.81
C ILE B 250 -13.01 -11.46 -16.58
N PHE B 251 -13.05 -10.35 -15.86
CA PHE B 251 -13.16 -9.00 -16.42
C PHE B 251 -11.88 -8.26 -16.02
N ASN B 252 -11.07 -7.92 -17.03
CA ASN B 252 -9.77 -7.30 -16.81
C ASN B 252 -9.89 -5.80 -17.00
N ALA B 253 -9.45 -5.05 -15.99
CA ALA B 253 -9.53 -3.60 -16.02
C ALA B 253 -8.62 -3.03 -17.10
N ILE B 254 -9.07 -1.93 -17.73
CA ILE B 254 -8.28 -1.22 -18.73
C ILE B 254 -7.86 0.10 -18.11
N ASP B 255 -6.54 0.32 -18.02
CA ASP B 255 -5.95 1.40 -17.25
C ASP B 255 -5.04 2.27 -18.11
N GLY B 256 -5.15 3.57 -17.93
CA GLY B 256 -4.31 4.52 -18.63
C GLY B 256 -4.26 5.78 -17.82
N GLY B 257 -3.89 6.88 -18.46
CA GLY B 257 -3.31 6.85 -19.78
C GLY B 257 -2.22 7.89 -19.98
N ALA B 258 -1.80 8.58 -18.90
CA ALA B 258 -0.80 9.65 -19.00
C ALA B 258 0.21 9.66 -17.86
N LEU B 259 0.52 8.51 -17.26
CA LEU B 259 1.46 8.46 -16.14
C LEU B 259 2.50 7.37 -16.37
N GLU B 260 3.78 7.72 -16.16
CA GLU B 260 4.87 6.86 -16.62
C GLU B 260 5.14 5.70 -15.67
N ASP B 261 5.30 5.97 -14.38
CA ASP B 261 5.51 4.86 -13.46
C ASP B 261 4.22 4.05 -13.41
N GLU B 262 4.24 2.87 -14.02
CA GLU B 262 3.03 2.08 -14.11
C GLU B 262 2.57 1.59 -12.75
N GLU B 263 3.48 1.52 -11.76
CA GLU B 263 3.13 0.89 -10.49
C GLU B 263 2.34 1.84 -9.58
N LEU B 264 2.89 3.03 -9.33
CA LEU B 264 2.16 4.07 -8.63
C LEU B 264 0.78 4.26 -9.25
N LYS B 265 0.72 4.21 -10.58
CA LYS B 265 -0.53 4.22 -11.33
C LYS B 265 -1.44 3.05 -10.94
N GLU B 266 -0.91 1.99 -10.34
CA GLU B 266 -1.76 0.87 -9.95
C GLU B 266 -2.31 1.01 -8.54
N ARG B 267 -1.53 1.63 -7.64
CA ARG B 267 -2.05 1.98 -6.31
C ARG B 267 -3.19 2.98 -6.42
N LEU B 268 -2.97 4.08 -7.14
CA LEU B 268 -3.96 5.14 -7.23
C LEU B 268 -5.28 4.69 -7.79
N LEU B 269 -5.36 3.46 -8.30
CA LEU B 269 -6.55 3.07 -9.02
C LEU B 269 -7.62 2.51 -8.08
N GLN B 270 -7.26 1.59 -7.19
CA GLN B 270 -8.22 1.10 -6.20
C GLN B 270 -8.36 2.09 -5.04
N ASN B 271 -7.85 3.30 -5.24
CA ASN B 271 -8.42 4.51 -4.66
C ASN B 271 -9.81 4.79 -5.23
N PHE B 272 -10.28 3.92 -6.14
CA PHE B 272 -11.61 4.00 -6.72
C PHE B 272 -12.40 2.69 -6.60
N LEU B 273 -11.85 1.64 -5.99
CA LEU B 273 -12.52 0.43 -5.55
C LEU B 273 -12.93 -0.56 -6.66
N ALA B 274 -12.72 -0.23 -7.94
CA ALA B 274 -12.93 -1.21 -9.02
C ALA B 274 -11.66 -2.04 -9.21
N PRO B 275 -11.73 -3.37 -9.12
CA PRO B 275 -10.51 -4.19 -9.18
C PRO B 275 -9.83 -4.20 -10.54
N LYS B 276 -8.50 -4.42 -10.52
CA LYS B 276 -7.78 -4.67 -11.76
C LYS B 276 -8.24 -5.97 -12.41
N GLU B 277 -8.59 -6.96 -11.60
CA GLU B 277 -9.01 -8.26 -12.10
C GLU B 277 -10.20 -8.74 -11.31
N LEU B 278 -11.39 -8.70 -11.92
CA LEU B 278 -12.63 -9.06 -11.27
C LEU B 278 -13.10 -10.42 -11.75
N HIS B 279 -13.35 -11.35 -10.82
CA HIS B 279 -13.88 -12.67 -11.16
C HIS B 279 -15.33 -12.77 -10.74
N LEU B 280 -16.16 -13.31 -11.60
CA LEU B 280 -17.57 -13.52 -11.33
C LEU B 280 -18.00 -14.92 -11.73
N LYS B 281 -18.99 -15.42 -11.01
CA LYS B 281 -19.69 -16.65 -11.35
C LYS B 281 -21.17 -16.39 -11.13
N VAL B 282 -22.01 -17.10 -11.87
CA VAL B 282 -23.43 -16.93 -11.66
C VAL B 282 -23.74 -17.30 -10.21
N GLY B 283 -24.35 -16.34 -9.50
CA GLY B 283 -24.60 -16.46 -8.09
C GLY B 283 -23.61 -15.72 -7.21
N ALA B 284 -22.54 -15.17 -7.76
CA ALA B 284 -21.64 -14.36 -6.95
C ALA B 284 -22.39 -13.18 -6.39
N GLN B 285 -22.00 -12.78 -5.19
CA GLN B 285 -22.64 -11.71 -4.46
C GLN B 285 -21.78 -10.47 -4.63
N VAL B 286 -22.29 -9.48 -5.36
CA VAL B 286 -21.51 -8.33 -5.72
C VAL B 286 -22.06 -7.13 -4.95
N MET B 287 -21.29 -6.05 -4.96
CA MET B 287 -21.69 -4.77 -4.41
C MET B 287 -21.32 -3.68 -5.41
N MET B 288 -22.29 -2.85 -5.75
CA MET B 288 -22.04 -1.68 -6.58
C MET B 288 -21.06 -0.73 -5.89
N VAL B 289 -20.16 -0.12 -6.66
CA VAL B 289 -19.17 0.78 -6.07
C VAL B 289 -19.09 2.12 -6.77
N LYS B 290 -20.10 2.45 -7.58
CA LYS B 290 -20.20 3.79 -8.15
C LYS B 290 -21.65 4.25 -8.05
N ASN B 291 -21.85 5.56 -7.93
CA ASN B 291 -23.20 6.12 -7.95
C ASN B 291 -23.65 6.19 -9.40
N LEU B 292 -24.61 5.34 -9.77
CA LEU B 292 -25.06 5.20 -11.15
C LEU B 292 -26.39 5.89 -11.40
N ASP B 293 -27.37 5.65 -10.55
CA ASP B 293 -28.65 6.31 -10.71
C ASP B 293 -29.30 6.46 -9.33
N ALA B 294 -30.60 6.77 -9.34
CA ALA B 294 -31.31 7.21 -8.15
C ALA B 294 -31.27 6.19 -7.03
N THR B 295 -31.48 4.90 -7.34
CA THR B 295 -31.51 3.85 -6.32
C THR B 295 -30.48 2.74 -6.56
N LEU B 296 -29.60 2.90 -7.54
CA LEU B 296 -28.43 2.02 -7.69
C LEU B 296 -27.23 2.90 -7.36
N VAL B 297 -26.83 2.87 -6.09
CA VAL B 297 -25.79 3.72 -5.56
C VAL B 297 -24.64 2.84 -5.10
N ASN B 298 -23.51 3.47 -4.88
CA ASN B 298 -22.38 2.81 -4.24
C ASN B 298 -22.86 2.04 -3.02
N GLY B 299 -22.70 0.72 -3.05
CA GLY B 299 -23.03 -0.11 -1.91
C GLY B 299 -24.30 -0.92 -2.03
N SER B 300 -25.04 -0.81 -3.13
CA SER B 300 -26.15 -1.74 -3.35
C SER B 300 -25.61 -3.16 -3.59
N LEU B 301 -26.16 -4.11 -2.84
CA LEU B 301 -25.74 -5.50 -2.93
C LEU B 301 -26.52 -6.22 -4.02
N GLY B 302 -25.92 -7.27 -4.55
CA GLY B 302 -26.52 -7.96 -5.67
C GLY B 302 -25.96 -9.35 -5.83
N LYS B 303 -26.66 -10.11 -6.68
CA LYS B 303 -26.33 -11.49 -7.00
C LYS B 303 -26.34 -11.63 -8.52
N VAL B 304 -25.23 -12.15 -9.07
CA VAL B 304 -25.16 -12.43 -10.51
C VAL B 304 -26.26 -13.42 -10.85
N ILE B 305 -27.09 -13.06 -11.82
CA ILE B 305 -28.12 -13.95 -12.34
C ILE B 305 -27.60 -14.75 -13.51
N GLU B 306 -27.03 -14.06 -14.49
CA GLU B 306 -26.45 -14.71 -15.66
C GLU B 306 -25.57 -13.69 -16.36
N PHE B 307 -24.88 -14.15 -17.39
CA PHE B 307 -24.03 -13.30 -18.21
C PHE B 307 -24.62 -13.20 -19.62
N MET B 308 -24.75 -11.97 -20.11
CA MET B 308 -25.25 -11.71 -21.45
C MET B 308 -24.45 -10.58 -22.07
N ASP B 309 -24.65 -10.39 -23.36
CA ASP B 309 -24.15 -9.26 -24.09
C ASP B 309 -25.26 -8.24 -24.24
N PRO B 310 -24.97 -7.05 -24.78
CA PRO B 310 -26.06 -6.08 -25.01
C PRO B 310 -27.26 -6.64 -25.77
N GLU B 311 -27.01 -7.40 -26.86
CA GLU B 311 -28.09 -7.89 -27.71
C GLU B 311 -28.96 -8.93 -27.00
N THR B 312 -28.34 -9.98 -26.46
CA THR B 312 -29.10 -10.97 -25.70
C THR B 312 -29.91 -10.31 -24.60
N TYR B 313 -29.28 -9.38 -23.88
CA TYR B 313 -29.93 -8.77 -22.72
C TYR B 313 -31.15 -7.97 -23.16
N PHE B 314 -30.99 -7.10 -24.17
CA PHE B 314 -32.15 -6.31 -24.61
C PHE B 314 -33.26 -7.18 -25.17
N CYS B 315 -32.92 -8.35 -25.71
CA CYS B 315 -33.98 -9.31 -26.02
C CYS B 315 -34.59 -9.85 -24.73
N TYR B 316 -33.75 -10.21 -23.75
CA TYR B 316 -34.25 -10.66 -22.47
C TYR B 316 -35.04 -9.57 -21.77
N GLU B 317 -34.56 -8.33 -21.85
CA GLU B 317 -35.25 -7.20 -21.23
C GLU B 317 -36.61 -6.95 -21.89
N ALA B 318 -36.63 -6.83 -23.22
CA ALA B 318 -37.88 -6.60 -23.95
C ALA B 318 -38.84 -7.78 -23.83
N LEU B 319 -38.33 -8.97 -23.50
CA LEU B 319 -39.21 -10.07 -23.13
C LEU B 319 -39.80 -9.86 -21.74
N THR B 320 -39.01 -9.31 -20.84
CA THR B 320 -39.51 -9.00 -19.51
C THR B 320 -40.45 -7.82 -19.51
N ASN B 321 -40.28 -6.91 -20.46
CA ASN B 321 -41.08 -5.73 -20.24
C ASN B 321 -42.42 -5.89 -20.99
N ASP B 322 -42.50 -6.86 -21.92
CA ASP B 322 -43.70 -7.22 -22.66
C ASP B 322 -43.82 -8.74 -22.59
N PRO B 323 -44.29 -9.26 -21.45
CA PRO B 323 -44.20 -10.72 -21.24
C PRO B 323 -45.18 -11.53 -22.07
N SER B 324 -46.33 -10.94 -22.43
CA SER B 324 -47.30 -11.55 -23.33
C SER B 324 -47.16 -11.03 -24.75
N MET B 325 -45.95 -10.63 -25.12
CA MET B 325 -45.68 -10.26 -26.49
C MET B 325 -45.77 -11.49 -27.38
N PRO B 326 -46.09 -11.30 -28.65
CA PRO B 326 -46.14 -12.43 -29.58
C PRO B 326 -44.77 -13.07 -29.73
N PRO B 327 -44.70 -14.43 -29.83
CA PRO B 327 -43.41 -15.08 -30.09
C PRO B 327 -42.77 -14.63 -31.40
N GLU B 328 -43.47 -13.77 -32.16
CA GLU B 328 -42.95 -13.28 -33.43
C GLU B 328 -41.76 -12.35 -33.23
N LYS B 329 -41.89 -11.37 -32.32
CA LYS B 329 -40.90 -10.30 -32.19
C LYS B 329 -39.53 -10.82 -31.78
N LEU B 330 -39.44 -12.03 -31.21
CA LEU B 330 -38.18 -12.65 -30.81
C LEU B 330 -37.56 -13.49 -31.92
N GLU B 331 -38.35 -14.27 -32.66
CA GLU B 331 -37.79 -15.14 -33.70
C GLU B 331 -37.25 -14.36 -34.89
N THR B 332 -37.78 -13.17 -35.15
CA THR B 332 -37.22 -12.30 -36.19
C THR B 332 -35.81 -11.86 -35.82
N TRP B 333 -35.63 -11.33 -34.61
CA TRP B 333 -34.33 -10.91 -34.10
C TRP B 333 -33.34 -12.07 -33.98
N ALA B 334 -33.81 -13.33 -34.09
CA ALA B 334 -33.10 -14.48 -33.53
C ALA B 334 -31.97 -14.99 -34.44
N GLU B 335 -32.30 -15.40 -35.66
CA GLU B 335 -31.29 -16.01 -36.54
C GLU B 335 -30.68 -15.02 -37.51
N ASN B 336 -31.08 -13.76 -37.45
CA ASN B 336 -30.48 -12.67 -38.24
C ASN B 336 -30.22 -11.48 -37.32
N PRO B 337 -29.20 -11.57 -36.42
CA PRO B 337 -28.92 -10.47 -35.49
C PRO B 337 -28.59 -9.15 -36.18
N SER B 338 -28.49 -9.19 -37.51
CA SER B 338 -28.33 -7.98 -38.31
C SER B 338 -29.58 -7.12 -38.30
N LYS B 339 -30.59 -7.51 -37.54
CA LYS B 339 -31.87 -6.82 -37.46
C LYS B 339 -32.27 -6.37 -36.06
N LEU B 340 -31.71 -6.99 -35.00
CA LEU B 340 -32.24 -6.74 -33.67
C LEU B 340 -31.78 -5.38 -33.13
N LYS B 341 -30.57 -4.94 -33.49
CA LYS B 341 -30.08 -3.66 -32.99
C LYS B 341 -30.89 -2.46 -33.45
N ALA B 342 -31.80 -2.64 -34.42
CA ALA B 342 -32.64 -1.54 -34.86
C ALA B 342 -33.53 -1.05 -33.72
N ALA B 343 -34.43 -1.91 -33.23
CA ALA B 343 -35.28 -1.54 -32.09
C ALA B 343 -34.43 -1.21 -30.87
N MET B 344 -33.23 -1.78 -30.79
CA MET B 344 -32.34 -1.53 -29.66
C MET B 344 -31.83 -0.10 -29.65
N GLU B 345 -31.19 0.33 -30.73
CA GLU B 345 -30.68 1.71 -30.83
C GLU B 345 -31.81 2.66 -31.24
N ARG B 346 -32.86 2.61 -30.42
CA ARG B 346 -33.88 3.64 -30.36
C ARG B 346 -33.95 4.25 -28.96
N GLU B 347 -33.15 3.74 -28.03
CA GLU B 347 -33.26 4.10 -26.62
C GLU B 347 -32.87 5.56 -26.38
N GLN B 348 -33.77 6.30 -25.73
CA GLN B 348 -33.58 7.73 -25.43
C GLN B 348 -34.60 8.26 -24.40
N LYS B 360 -13.27 8.51 -23.61
CA LYS B 360 -13.35 7.37 -22.70
C LYS B 360 -14.36 6.35 -23.21
N SER B 361 -14.77 6.52 -24.48
CA SER B 361 -15.75 5.65 -25.13
C SER B 361 -15.13 4.45 -25.83
N SER B 362 -13.93 4.59 -26.41
CA SER B 362 -13.25 3.49 -27.11
C SER B 362 -12.52 2.55 -26.16
N VAL B 363 -12.39 2.91 -24.87
CA VAL B 363 -11.65 2.10 -23.92
C VAL B 363 -12.47 0.88 -23.46
N LYS B 364 -13.80 0.97 -23.53
CA LYS B 364 -14.67 -0.13 -23.07
C LYS B 364 -15.25 -0.97 -24.22
N GLU B 365 -14.59 -1.03 -25.39
CA GLU B 365 -14.99 -1.97 -26.43
C GLU B 365 -14.33 -3.34 -26.24
N GLY B 366 -12.99 -3.38 -26.24
CA GLY B 366 -12.27 -4.62 -26.01
C GLY B 366 -12.37 -5.14 -24.60
N PHE B 367 -13.17 -4.47 -23.77
CA PHE B 367 -13.47 -4.85 -22.40
C PHE B 367 -14.64 -5.86 -22.40
N ALA B 368 -14.95 -6.39 -21.22
CA ALA B 368 -15.91 -7.47 -21.07
C ALA B 368 -15.48 -8.69 -21.89
N LYS B 369 -14.31 -9.21 -21.50
CA LYS B 369 -13.46 -10.02 -22.37
C LYS B 369 -14.28 -11.07 -23.12
N SER B 370 -13.85 -11.32 -24.35
CA SER B 370 -14.70 -11.93 -25.37
C SER B 370 -14.32 -13.41 -25.52
N ASP B 371 -15.29 -14.28 -25.24
CA ASP B 371 -15.12 -15.72 -25.47
C ASP B 371 -15.26 -15.94 -26.98
N ILE B 372 -14.16 -15.68 -27.68
CA ILE B 372 -14.17 -15.42 -29.12
C ILE B 372 -14.33 -16.72 -29.94
N GLY B 373 -13.85 -17.85 -29.43
CA GLY B 373 -14.08 -19.14 -30.08
C GLY B 373 -14.79 -20.16 -29.22
N GLU B 374 -14.68 -20.03 -27.90
CA GLU B 374 -15.24 -21.01 -26.97
C GLU B 374 -16.76 -21.09 -27.12
N PRO B 375 -17.35 -22.27 -27.01
CA PRO B 375 -18.81 -22.35 -26.98
C PRO B 375 -19.37 -21.55 -25.80
N VAL B 376 -20.61 -21.10 -25.99
CA VAL B 376 -21.29 -20.25 -25.02
C VAL B 376 -22.25 -21.16 -24.27
N SER B 377 -21.91 -21.49 -23.04
CA SER B 377 -22.79 -22.29 -22.20
C SER B 377 -24.18 -21.66 -22.22
N PRO B 378 -25.24 -22.42 -22.00
CA PRO B 378 -26.59 -21.83 -22.06
C PRO B 378 -26.85 -20.86 -20.92
N LEU B 379 -28.00 -20.20 -21.01
CA LEU B 379 -28.59 -19.47 -19.90
C LEU B 379 -29.16 -20.46 -18.89
N ASP B 380 -29.38 -19.99 -17.67
CA ASP B 380 -30.04 -20.84 -16.69
C ASP B 380 -31.54 -20.79 -16.93
N SER B 381 -32.22 -21.88 -16.57
CA SER B 381 -33.68 -21.96 -16.68
C SER B 381 -34.37 -20.94 -15.78
N SER B 382 -33.69 -20.49 -14.72
CA SER B 382 -34.28 -19.58 -13.75
C SER B 382 -34.45 -18.17 -14.29
N VAL B 383 -33.73 -17.81 -15.34
CA VAL B 383 -33.86 -16.47 -15.90
C VAL B 383 -35.20 -16.27 -16.59
N PHE B 384 -35.92 -17.36 -16.87
CA PHE B 384 -37.25 -17.32 -17.50
C PHE B 384 -38.37 -17.73 -16.56
N ASP B 385 -38.10 -17.83 -15.26
CA ASP B 385 -39.19 -18.00 -14.32
C ASP B 385 -40.07 -16.76 -14.28
N PHE B 386 -39.59 -15.63 -14.80
CA PHE B 386 -40.37 -14.41 -14.86
C PHE B 386 -41.56 -14.51 -15.78
N MET B 387 -41.68 -15.57 -16.57
CA MET B 387 -42.81 -15.75 -17.47
C MET B 387 -43.82 -16.75 -16.96
N LYS B 388 -43.36 -17.92 -16.54
CA LYS B 388 -44.28 -18.97 -16.10
C LYS B 388 -44.74 -18.52 -14.73
N ARG B 389 -45.81 -17.73 -14.72
CA ARG B 389 -46.37 -17.27 -13.48
C ARG B 389 -47.86 -17.53 -13.30
N VAL B 390 -48.63 -17.98 -14.32
CA VAL B 390 -49.90 -18.42 -13.79
C VAL B 390 -50.42 -19.87 -14.01
N VAL B 396 -51.39 -22.78 -16.03
CA VAL B 396 -51.45 -23.99 -16.82
C VAL B 396 -52.61 -23.97 -17.81
N VAL B 397 -52.81 -22.81 -18.43
CA VAL B 397 -53.90 -22.65 -19.40
C VAL B 397 -53.65 -23.50 -20.64
N LEU B 398 -52.72 -23.07 -21.47
CA LEU B 398 -52.40 -23.80 -22.71
C LEU B 398 -51.30 -23.05 -23.46
N GLU B 399 -50.15 -22.72 -22.87
CA GLU B 399 -49.32 -21.92 -23.78
C GLU B 399 -47.97 -22.52 -24.17
N ASN B 400 -47.75 -22.60 -25.48
CA ASN B 400 -46.46 -22.64 -26.14
C ASN B 400 -46.04 -21.25 -26.63
N ILE B 401 -46.60 -20.19 -26.03
CA ILE B 401 -45.94 -18.91 -26.02
C ILE B 401 -44.69 -18.94 -25.15
N LYS B 402 -44.55 -19.98 -24.32
CA LYS B 402 -43.29 -20.32 -23.67
C LYS B 402 -42.33 -21.02 -24.64
N ARG B 403 -42.66 -21.02 -25.93
CA ARG B 403 -41.65 -21.24 -26.95
C ARG B 403 -40.65 -20.08 -26.99
N LYS B 404 -41.07 -18.87 -26.57
CA LYS B 404 -40.16 -17.72 -26.38
C LYS B 404 -38.91 -18.08 -25.59
N GLU B 405 -39.05 -19.04 -24.67
CA GLU B 405 -37.93 -19.55 -23.89
C GLU B 405 -36.84 -20.15 -24.79
N GLN B 406 -37.23 -20.97 -25.76
CA GLN B 406 -36.27 -21.54 -26.69
C GLN B 406 -35.79 -20.53 -27.74
N LEU B 407 -36.55 -19.44 -27.93
CA LEU B 407 -36.14 -18.40 -28.86
C LEU B 407 -34.95 -17.61 -28.35
N MET B 408 -35.00 -17.17 -27.09
CA MET B 408 -33.88 -16.44 -26.49
C MET B 408 -32.58 -17.22 -26.57
N GLN B 409 -32.63 -18.53 -26.24
CA GLN B 409 -31.44 -19.37 -26.18
C GLN B 409 -30.65 -19.32 -27.48
N THR B 410 -31.36 -19.25 -28.61
CA THR B 410 -30.70 -19.07 -29.89
C THR B 410 -29.96 -17.73 -29.95
N ILE B 411 -30.62 -16.64 -29.50
CA ILE B 411 -29.99 -15.33 -29.58
C ILE B 411 -28.79 -15.25 -28.65
N HIS B 412 -28.79 -16.07 -27.60
CA HIS B 412 -27.66 -16.10 -26.66
C HIS B 412 -26.43 -16.75 -27.30
N GLN B 413 -26.63 -17.80 -28.10
CA GLN B 413 -25.49 -18.46 -28.77
C GLN B 413 -24.79 -17.54 -29.75
N ASN B 414 -25.46 -16.50 -30.25
CA ASN B 414 -24.81 -15.50 -31.09
C ASN B 414 -23.96 -14.52 -30.31
N SER B 415 -24.04 -14.54 -28.96
CA SER B 415 -23.08 -13.80 -28.15
C SER B 415 -21.72 -14.48 -28.11
N ALA B 416 -21.56 -15.61 -28.79
CA ALA B 416 -20.24 -16.13 -29.06
C ALA B 416 -19.47 -15.09 -29.86
N GLY B 417 -18.36 -14.63 -29.31
CA GLY B 417 -17.57 -13.58 -29.91
C GLY B 417 -17.87 -12.18 -29.39
N LYS B 418 -19.01 -11.99 -28.73
CA LYS B 418 -19.36 -10.72 -28.15
C LYS B 418 -19.08 -10.73 -26.64
N ARG B 419 -19.29 -9.58 -26.01
CA ARG B 419 -18.87 -9.33 -24.63
C ARG B 419 -20.02 -9.69 -23.69
N ARG B 420 -19.82 -10.72 -22.87
CA ARG B 420 -20.89 -11.23 -22.01
C ARG B 420 -20.76 -10.67 -20.58
N LEU B 421 -21.54 -9.59 -20.30
CA LEU B 421 -21.66 -8.77 -19.10
C LEU B 421 -22.57 -9.44 -18.07
N PRO B 422 -22.37 -9.15 -16.77
CA PRO B 422 -23.18 -9.81 -15.73
C PRO B 422 -24.55 -9.17 -15.66
N LEU B 423 -25.58 -10.00 -15.66
CA LEU B 423 -26.94 -9.57 -15.35
C LEU B 423 -27.12 -9.81 -13.86
N VAL B 424 -27.28 -8.74 -13.09
CA VAL B 424 -27.24 -8.79 -11.63
C VAL B 424 -28.57 -8.33 -11.03
N ARG B 425 -29.07 -9.10 -10.06
CA ARG B 425 -30.25 -8.74 -9.29
C ARG B 425 -29.81 -7.98 -8.05
N PHE B 426 -30.02 -6.67 -8.06
CA PHE B 426 -29.65 -5.78 -6.96
C PHE B 426 -30.87 -5.48 -6.11
N LYS B 427 -30.70 -5.43 -4.79
CA LYS B 427 -31.72 -4.90 -3.90
C LYS B 427 -31.37 -3.44 -3.63
N ALA B 428 -32.23 -2.55 -4.11
CA ALA B 428 -31.92 -1.14 -4.21
C ALA B 428 -32.06 -0.49 -2.84
N SER B 429 -31.89 0.84 -2.81
CA SER B 429 -32.17 1.58 -1.57
C SER B 429 -33.63 1.98 -1.52
N ASP B 430 -34.53 1.00 -1.74
CA ASP B 430 -35.92 0.98 -1.29
C ASP B 430 -36.42 -0.38 -0.83
N MET B 431 -35.55 -1.37 -0.64
CA MET B 431 -35.95 -2.77 -0.43
C MET B 431 -36.76 -3.32 -1.62
N SER B 432 -36.70 -2.64 -2.77
CA SER B 432 -37.13 -3.20 -4.04
C SER B 432 -35.94 -3.76 -4.82
N THR B 433 -36.18 -4.91 -5.47
CA THR B 433 -35.19 -5.56 -6.33
C THR B 433 -35.22 -4.99 -7.75
N ARG B 434 -34.05 -5.04 -8.39
CA ARG B 434 -33.86 -4.45 -9.71
C ARG B 434 -32.76 -5.24 -10.41
N MET B 435 -33.05 -5.72 -11.64
CA MET B 435 -32.11 -6.56 -12.39
C MET B 435 -31.48 -5.77 -13.51
N VAL B 436 -30.15 -5.74 -13.52
CA VAL B 436 -29.37 -4.79 -14.30
C VAL B 436 -28.31 -5.54 -15.10
N LEU B 437 -28.10 -5.12 -16.34
CA LEU B 437 -26.93 -5.58 -17.08
C LEU B 437 -25.84 -4.57 -16.82
N VAL B 438 -24.82 -4.98 -16.08
CA VAL B 438 -23.84 -4.05 -15.51
C VAL B 438 -22.78 -3.72 -16.55
N GLU B 439 -23.00 -2.63 -17.27
CA GLU B 439 -22.05 -2.16 -18.25
C GLU B 439 -20.91 -1.44 -17.55
N PRO B 440 -19.70 -1.54 -18.08
CA PRO B 440 -18.54 -0.98 -17.40
C PRO B 440 -18.59 0.54 -17.34
N GLU B 441 -17.88 1.09 -16.33
CA GLU B 441 -17.79 2.51 -16.05
C GLU B 441 -16.36 3.02 -16.23
N ASP B 442 -16.16 4.30 -15.94
CA ASP B 442 -14.87 4.96 -16.10
C ASP B 442 -14.55 5.78 -14.85
N TRP B 443 -13.32 5.64 -14.38
CA TRP B 443 -12.75 6.49 -13.35
C TRP B 443 -11.53 7.19 -13.93
N ALA B 444 -11.10 8.22 -13.25
CA ALA B 444 -9.78 8.80 -13.51
C ALA B 444 -9.47 9.78 -12.41
N ILE B 445 -8.22 9.78 -11.98
CA ILE B 445 -7.62 10.90 -11.27
C ILE B 445 -7.05 11.84 -12.32
N GLU B 446 -7.60 13.04 -12.39
CA GLU B 446 -7.37 13.93 -13.51
C GLU B 446 -6.87 15.29 -13.03
N ASP B 447 -5.96 15.85 -13.82
CA ASP B 447 -5.31 17.14 -13.57
C ASP B 447 -6.25 18.25 -14.01
N GLU B 448 -5.73 19.46 -14.10
CA GLU B 448 -6.51 20.64 -14.45
C GLU B 448 -7.05 20.60 -15.94
N ASN B 449 -6.84 19.50 -16.67
CA ASN B 449 -7.31 19.36 -18.04
C ASN B 449 -8.30 18.22 -18.24
N GLU B 450 -8.74 17.54 -17.17
CA GLU B 450 -9.37 16.21 -17.22
C GLU B 450 -8.42 15.14 -17.73
N LYS B 451 -7.16 15.49 -17.95
CA LYS B 451 -6.23 14.60 -18.64
C LYS B 451 -6.09 13.28 -17.87
N PRO B 452 -6.10 12.14 -18.56
CA PRO B 452 -6.09 10.87 -17.85
C PRO B 452 -4.71 10.58 -17.27
N LEU B 453 -4.37 11.22 -16.15
CA LEU B 453 -3.11 10.88 -15.49
C LEU B 453 -3.14 9.45 -15.02
N VAL B 454 -4.22 9.05 -14.35
CA VAL B 454 -4.55 7.65 -14.11
C VAL B 454 -6.02 7.43 -14.40
N SER B 455 -6.33 6.40 -15.16
CA SER B 455 -7.69 6.11 -15.54
C SER B 455 -7.93 4.62 -15.42
N ARG B 456 -9.19 4.25 -15.36
CA ARG B 456 -9.57 2.85 -15.37
C ARG B 456 -10.97 2.74 -15.94
N VAL B 457 -11.10 1.94 -16.99
CA VAL B 457 -12.40 1.45 -17.39
C VAL B 457 -12.51 0.04 -16.86
N GLN B 458 -13.61 -0.22 -16.15
CA GLN B 458 -13.83 -1.44 -15.39
C GLN B 458 -15.28 -1.45 -14.91
N LEU B 459 -15.79 -2.65 -14.62
CA LEU B 459 -17.13 -2.79 -14.07
C LEU B 459 -17.17 -2.15 -12.68
N PRO B 460 -18.28 -1.55 -12.30
CA PRO B 460 -18.38 -1.00 -10.94
C PRO B 460 -18.85 -2.03 -9.93
N LEU B 461 -18.03 -3.06 -9.68
CA LEU B 461 -18.42 -4.13 -8.78
C LEU B 461 -17.22 -4.65 -7.99
N MET B 462 -17.49 -5.12 -6.76
CA MET B 462 -16.55 -5.92 -5.99
C MET B 462 -17.31 -7.07 -5.34
N LEU B 463 -16.60 -8.17 -5.05
CA LEU B 463 -17.22 -9.31 -4.38
C LEU B 463 -17.56 -8.96 -2.93
N ALA B 464 -18.76 -9.33 -2.51
CA ALA B 464 -19.29 -8.75 -1.28
C ALA B 464 -19.91 -9.77 -0.33
N TRP B 465 -19.40 -11.00 -0.27
CA TRP B 465 -19.73 -11.85 0.87
C TRP B 465 -18.99 -11.37 2.09
N SER B 466 -17.77 -10.86 1.90
CA SER B 466 -16.96 -10.34 2.99
C SER B 466 -16.97 -8.81 2.96
N LEU B 467 -17.00 -8.25 4.16
CA LEU B 467 -17.01 -6.80 4.38
C LEU B 467 -15.97 -6.47 5.42
N SER B 468 -15.21 -5.42 5.16
CA SER B 468 -14.44 -4.77 6.23
C SER B 468 -15.41 -4.30 7.30
N ILE B 469 -14.98 -4.40 8.56
CA ILE B 469 -15.84 -4.04 9.69
C ILE B 469 -16.35 -2.60 9.53
N HIS B 470 -15.57 -1.74 8.88
CA HIS B 470 -16.01 -0.38 8.61
C HIS B 470 -17.24 -0.38 7.72
N LYS B 471 -17.18 -1.13 6.61
CA LYS B 471 -18.38 -1.29 5.79
C LYS B 471 -19.42 -2.14 6.48
N SER B 472 -19.01 -2.95 7.46
CA SER B 472 -19.96 -3.76 8.23
C SER B 472 -20.94 -2.91 9.01
N GLN B 473 -20.51 -1.72 9.45
CA GLN B 473 -21.27 -0.90 10.38
C GLN B 473 -22.56 -0.39 9.76
N GLY B 474 -23.68 -0.71 10.42
CA GLY B 474 -25.02 -0.48 9.90
C GLY B 474 -25.77 -1.76 9.61
N GLN B 475 -25.04 -2.85 9.37
CA GLN B 475 -25.59 -4.09 8.78
C GLN B 475 -26.05 -5.07 9.85
N THR B 476 -27.12 -5.80 9.55
CA THR B 476 -27.59 -6.87 10.42
C THR B 476 -27.33 -8.21 9.73
N LEU B 477 -26.37 -8.96 10.26
CA LEU B 477 -25.89 -10.20 9.66
C LEU B 477 -26.31 -11.38 10.53
N PRO B 478 -27.34 -12.11 10.14
CA PRO B 478 -27.80 -13.24 10.96
C PRO B 478 -26.76 -14.33 11.17
N LYS B 479 -26.16 -14.86 10.09
CA LYS B 479 -25.10 -15.85 10.17
C LYS B 479 -23.79 -15.21 9.72
N VAL B 480 -22.82 -15.11 10.64
CA VAL B 480 -21.63 -14.28 10.39
C VAL B 480 -20.42 -14.79 11.17
N LYS B 481 -19.31 -14.96 10.44
CA LYS B 481 -17.99 -15.29 10.96
C LYS B 481 -17.18 -14.00 11.06
N VAL B 482 -16.58 -13.77 12.23
CA VAL B 482 -15.81 -12.56 12.50
C VAL B 482 -14.40 -12.93 12.95
N ASP B 483 -13.39 -12.37 12.29
CA ASP B 483 -11.99 -12.68 12.61
C ASP B 483 -11.31 -11.41 13.14
N LEU B 484 -11.09 -11.38 14.45
CA LEU B 484 -10.61 -10.21 15.19
C LEU B 484 -9.10 -10.07 15.13
N ARG B 485 -8.47 -10.72 14.16
CA ARG B 485 -7.02 -10.83 14.16
C ARG B 485 -6.32 -9.48 14.08
N ARG B 486 -6.83 -8.56 13.26
CA ARG B 486 -6.11 -7.33 12.99
C ARG B 486 -6.89 -6.06 13.36
N VAL B 487 -7.60 -6.08 14.49
CA VAL B 487 -8.33 -4.89 14.94
C VAL B 487 -7.35 -3.81 15.41
N PHE B 488 -7.59 -2.56 14.98
CA PHE B 488 -6.71 -1.48 15.46
C PHE B 488 -7.43 -0.29 16.11
N GLU B 489 -8.57 0.15 15.58
CA GLU B 489 -9.29 1.30 16.14
C GLU B 489 -10.18 0.87 17.29
N LYS B 490 -10.34 1.74 18.27
CA LYS B 490 -11.18 1.42 19.40
C LYS B 490 -12.63 1.30 18.93
N GLY B 491 -13.35 0.31 19.48
CA GLY B 491 -14.72 0.10 19.08
C GLY B 491 -14.91 -0.73 17.84
N GLN B 492 -13.81 -1.10 17.17
CA GLN B 492 -13.91 -1.94 15.98
C GLN B 492 -14.52 -3.30 16.35
N ALA B 493 -13.97 -3.94 17.38
CA ALA B 493 -14.46 -5.24 17.85
C ALA B 493 -15.87 -5.17 18.40
N TYR B 494 -16.36 -4.00 18.79
CA TYR B 494 -17.76 -3.89 19.18
C TYR B 494 -18.65 -3.91 17.95
N VAL B 495 -18.27 -3.17 16.90
CA VAL B 495 -19.10 -3.13 15.70
C VAL B 495 -19.26 -4.53 15.13
N ALA B 496 -18.15 -5.25 14.99
CA ALA B 496 -18.18 -6.55 14.32
C ALA B 496 -19.07 -7.53 15.06
N LEU B 497 -18.82 -7.73 16.34
CA LEU B 497 -19.61 -8.71 17.07
C LEU B 497 -21.07 -8.29 17.21
N SER B 498 -21.34 -6.98 17.21
CA SER B 498 -22.72 -6.52 17.36
C SER B 498 -23.51 -6.60 16.05
N ARG B 499 -22.89 -7.11 14.98
CA ARG B 499 -23.64 -7.36 13.76
C ARG B 499 -24.47 -8.64 13.88
N ALA B 500 -24.01 -9.61 14.66
CA ALA B 500 -24.67 -10.90 14.78
C ALA B 500 -26.02 -10.79 15.47
N VAL B 501 -26.96 -11.62 15.04
CA VAL B 501 -28.29 -11.60 15.63
C VAL B 501 -28.37 -12.58 16.81
N SER B 502 -27.73 -13.72 16.68
CA SER B 502 -27.71 -14.73 17.72
C SER B 502 -26.28 -15.19 17.86
N ARG B 503 -26.03 -15.95 18.92
CA ARG B 503 -24.74 -16.61 19.05
C ARG B 503 -24.70 -17.92 18.26
N GLU B 504 -25.84 -18.61 18.11
CA GLU B 504 -25.87 -19.77 17.23
C GLU B 504 -25.39 -19.39 15.83
N GLY B 505 -25.60 -18.13 15.46
CA GLY B 505 -25.27 -17.63 14.14
C GLY B 505 -23.94 -16.93 14.06
N LEU B 506 -23.14 -16.96 15.12
CA LEU B 506 -21.89 -16.23 15.19
C LEU B 506 -20.70 -17.16 15.43
N GLN B 507 -19.65 -16.94 14.67
CA GLN B 507 -18.34 -17.51 14.96
C GLN B 507 -17.36 -16.35 15.06
N VAL B 508 -16.51 -16.36 16.08
CA VAL B 508 -15.58 -15.26 16.32
C VAL B 508 -14.21 -15.83 16.64
N LEU B 509 -13.23 -15.50 15.81
CA LEU B 509 -11.89 -16.06 15.89
C LEU B 509 -10.90 -15.02 16.39
N ASN B 510 -10.02 -15.45 17.31
CA ASN B 510 -9.01 -14.59 17.95
C ASN B 510 -9.65 -13.47 18.77
N PHE B 511 -10.68 -13.81 19.53
CA PHE B 511 -11.13 -12.89 20.56
C PHE B 511 -9.99 -12.59 21.51
N ASP B 512 -9.86 -11.33 21.90
CA ASP B 512 -8.75 -10.90 22.75
C ASP B 512 -9.22 -9.76 23.63
N ARG B 513 -9.28 -10.00 24.94
CA ARG B 513 -9.91 -9.05 25.85
C ARG B 513 -9.05 -7.83 26.14
N THR B 514 -7.93 -7.65 25.44
CA THR B 514 -7.16 -6.43 25.58
C THR B 514 -7.22 -5.57 24.33
N ARG B 515 -7.72 -6.11 23.24
CA ARG B 515 -8.03 -5.32 22.06
C ARG B 515 -9.41 -4.69 22.13
N ILE B 516 -10.05 -4.76 23.30
CA ILE B 516 -11.34 -4.13 23.54
C ILE B 516 -11.15 -2.96 24.52
N LYS B 517 -10.95 -1.77 23.96
CA LYS B 517 -10.72 -0.56 24.75
C LYS B 517 -11.70 0.49 24.24
N ALA B 518 -12.43 1.13 25.17
CA ALA B 518 -13.43 2.12 24.81
C ALA B 518 -12.77 3.48 24.78
N HIS B 519 -13.17 4.30 23.80
CA HIS B 519 -12.53 5.60 23.66
C HIS B 519 -12.95 6.52 24.80
N GLN B 520 -11.97 7.13 25.48
CA GLN B 520 -12.27 7.89 26.70
C GLN B 520 -13.06 9.15 26.38
N LYS B 521 -12.69 9.85 25.30
CA LYS B 521 -13.36 11.09 24.93
C LYS B 521 -14.83 10.90 24.70
N VAL B 522 -15.26 9.69 24.36
CA VAL B 522 -16.67 9.43 24.06
C VAL B 522 -17.46 9.21 25.35
N ILE B 523 -16.90 8.37 26.24
CA ILE B 523 -17.44 8.25 27.58
C ILE B 523 -17.76 9.68 27.99
N ASP B 524 -16.74 10.51 28.19
CA ASP B 524 -16.90 11.96 28.42
C ASP B 524 -18.12 12.59 27.72
N PHE B 525 -18.17 12.49 26.39
CA PHE B 525 -19.26 13.10 25.61
C PHE B 525 -20.63 12.62 26.06
N TYR B 526 -20.75 11.38 26.52
CA TYR B 526 -22.03 10.80 26.93
C TYR B 526 -22.45 11.18 28.34
N LEU B 527 -21.86 12.25 28.79
CA LEU B 527 -22.17 12.97 29.99
C LEU B 527 -21.90 14.40 29.48
N THR B 528 -22.55 14.70 28.35
CA THR B 528 -22.44 15.87 27.47
C THR B 528 -21.35 16.90 27.56
N LEU B 529 -20.46 16.81 26.58
CA LEU B 529 -19.35 17.71 26.43
C LEU B 529 -19.92 18.95 25.80
#